data_4KZC
#
_entry.id   4KZC
#
_cell.length_a   146.383
_cell.length_b   68.313
_cell.length_c   108.161
_cell.angle_alpha   90.00
_cell.angle_beta   95.24
_cell.angle_gamma   90.00
#
_symmetry.space_group_name_H-M   'C 1 2 1'
#
loop_
_entity.id
_entity.type
_entity.pdbx_description
1 polymer 'Phosphatidylinositol 4,5-bisphosphate 3-kinase catalytic subunit gamma isoform'
2 non-polymer N-{6-[6-amino-5-(trifluoromethyl)pyridin-3-yl]imidazo[1,2-a]pyridin-2-yl}acetamide
3 non-polymer 'SULFATE ION'
#
_entity_poly.entity_id   1
_entity_poly.type   'polypeptide(L)'
_entity_poly.pdbx_seq_one_letter_code
;MSEESQAFQRQLTALIGYDVTDVSNVHDDELEFTRRGLVTPRMAEVASRDPKLYAMHPWVTSKPLPEYLWKKIANNCIFI
VIHRSTTSQTIKVSPDDTPGAILQSFFTKMAKKKSLMDIPESQSEQDFVLRVCGRDEYLVGETPIKNFQWVRHCLKNGEE
IHVVLDTPPDPALDEVRKEEWPLVDDCTGVTGYHEQLTIHGKDHESVFTVSLWDCDRKFRVKIRGIDIPVLPRNTDLTVF
VEANIQHGQQVLCQRRTSPKPFTEEVLWNVWLEFSIKIKDLPKGALLNLQIYCGKAPALSSKASAESPSSESKGKVRLLY
YVNLLLIDHRFLLRRGEYVLHMWQISGKGEDQGSFNADKLTSATNPDKENSMSISILLDNYCHPIALPKHQPTPDPEGDR
VRAEMPNQLRKQLEAIIATDPLNPLTAEDKELLWHFRYESLKHPKAYPKLFSSVKWGQQEIVAKTYQLLARREVWDQSAL
DVGLTMQLLDCNFSDENVRAIAVQKLESLEDDDVLHYLLQLVQAVKFEPYHDSALARFLLKRGLRNKRIGHFLFWFLRSE
IAQSRHYQQRFAVILEAYLRGCGTAMLHDFTQQVQVIEMLQKVTLDIKSLSAEKYDVSSQVISQLKQKLENLQNSQLPES
FRVPYDPGLKAGALAIEKCKVMASKKKPLWLEFKCADPTALSNETIGIIFKHGDDLRQDMLILQILRIMESIWETESLDL
CLLPYGCISTGDKIGMIEIVKDATTIAKIQQSTVGNTGAFKDEVLNHWLKEKSPTEEKFQAAVERFVYSCAGYCVATFVL
GIGDRHNDNIMITETGNLFHIDFGHILGNYKSFLGINKERVPFVLTPDFLFVMGTSGKKTSPHFQKFQDICVKAYLALRH
HTNLLIILFSMMLMTGMPQLTSKEDIEYIRDALTVGKNEEDAKKYFLDQIEVCRDKGWTVQFNWFLHLVLGIKQGEKHSA
HHHHHH
;
_entity_poly.pdbx_strand_id   A
#
loop_
_chem_comp.id
_chem_comp.type
_chem_comp.name
_chem_comp.formula
1UK non-polymer N-{6-[6-amino-5-(trifluoromethyl)pyridin-3-yl]imidazo[1,2-a]pyridin-2-yl}acetamide 'C15 H12 F3 N5 O'
SO4 non-polymer 'SULFATE ION' 'O4 S -2'
#
# COMPACT_ATOMS: atom_id res chain seq x y z
N SER A 2 -5.46 -24.55 29.02
CA SER A 2 -4.19 -25.24 29.25
C SER A 2 -3.06 -24.27 29.62
N GLU A 3 -2.00 -24.80 30.25
CA GLU A 3 -0.82 -24.04 30.68
C GLU A 3 0.01 -23.58 29.47
N GLU A 4 0.13 -24.44 28.44
CA GLU A 4 0.84 -24.16 27.20
C GLU A 4 0.06 -23.14 26.35
N SER A 5 -1.30 -23.16 26.45
CA SER A 5 -2.24 -22.26 25.75
C SER A 5 -2.01 -20.81 26.17
N GLN A 6 -1.66 -20.59 27.46
CA GLN A 6 -1.42 -19.28 28.04
C GLN A 6 -0.15 -18.65 27.46
N ALA A 7 0.92 -19.49 27.30
CA ALA A 7 2.21 -19.08 26.74
C ALA A 7 2.12 -18.80 25.23
N PHE A 8 1.14 -19.43 24.56
CA PHE A 8 0.90 -19.26 23.12
C PHE A 8 0.30 -17.89 22.81
N GLN A 9 -0.77 -17.48 23.53
CA GLN A 9 -1.40 -16.17 23.37
C GLN A 9 -0.46 -15.05 23.80
N ARG A 10 0.43 -15.35 24.78
CA ARG A 10 1.46 -14.44 25.29
C ARG A 10 2.50 -14.18 24.18
N GLN A 11 2.84 -15.23 23.40
CA GLN A 11 3.77 -15.17 22.26
C GLN A 11 3.13 -14.37 21.12
N LEU A 12 1.86 -14.69 20.77
CA LEU A 12 1.09 -14.03 19.70
C LEU A 12 1.01 -12.51 19.91
N THR A 13 0.58 -12.07 21.11
CA THR A 13 0.43 -10.65 21.49
C THR A 13 1.71 -9.86 21.24
N ALA A 14 2.88 -10.40 21.63
CA ALA A 14 4.19 -9.76 21.44
C ALA A 14 4.46 -9.49 19.96
N LEU A 15 4.08 -10.44 19.09
CA LEU A 15 4.21 -10.37 17.63
C LEU A 15 3.17 -9.46 16.97
N ILE A 16 1.98 -9.32 17.59
CA ILE A 16 0.87 -8.50 17.09
C ILE A 16 1.08 -7.02 17.46
N GLY A 17 1.38 -6.78 18.73
CA GLY A 17 1.56 -5.44 19.29
C GLY A 17 0.27 -4.92 19.89
N TYR A 18 -0.68 -5.84 20.17
CA TYR A 18 -2.01 -5.57 20.74
C TYR A 18 -2.59 -6.86 21.36
N ASP A 19 -3.17 -6.75 22.59
CA ASP A 19 -3.80 -7.85 23.30
C ASP A 19 -5.23 -8.02 22.79
N VAL A 20 -5.43 -9.01 21.90
CA VAL A 20 -6.71 -9.34 21.24
C VAL A 20 -7.79 -9.81 22.23
N THR A 21 -7.39 -10.51 23.30
CA THR A 21 -8.27 -11.06 24.36
C THR A 21 -9.05 -10.00 25.15
N ASP A 22 -8.52 -8.75 25.19
CA ASP A 22 -9.08 -7.59 25.91
C ASP A 22 -10.51 -7.25 25.47
N VAL A 23 -11.41 -7.06 26.45
CA VAL A 23 -12.82 -6.72 26.25
C VAL A 23 -13.19 -5.39 26.96
N SER A 24 -12.20 -4.49 27.14
CA SER A 24 -12.42 -3.21 27.80
C SER A 24 -13.02 -2.14 26.87
N ASN A 25 -12.42 -1.96 25.67
CA ASN A 25 -12.86 -0.97 24.69
C ASN A 25 -13.87 -1.54 23.69
N VAL A 26 -14.90 -2.25 24.21
CA VAL A 26 -15.98 -2.83 23.43
C VAL A 26 -17.34 -2.48 24.07
N HIS A 27 -18.42 -2.72 23.31
CA HIS A 27 -19.82 -2.54 23.72
C HIS A 27 -20.66 -3.63 23.04
N ASP A 28 -19.97 -4.54 22.34
CA ASP A 28 -20.54 -5.69 21.63
C ASP A 28 -19.50 -6.81 21.52
N ASP A 29 -19.91 -8.01 21.10
CA ASP A 29 -19.02 -9.15 20.96
C ASP A 29 -18.54 -9.37 19.51
N GLU A 30 -18.66 -8.33 18.64
CA GLU A 30 -18.29 -8.39 17.22
C GLU A 30 -16.91 -9.00 17.00
N LEU A 31 -15.88 -8.49 17.71
CA LEU A 31 -14.49 -8.95 17.63
C LEU A 31 -14.28 -10.39 18.09
N GLU A 32 -14.98 -10.82 19.15
CA GLU A 32 -14.88 -12.20 19.65
C GLU A 32 -15.59 -13.17 18.71
N PHE A 33 -16.73 -12.74 18.15
CA PHE A 33 -17.53 -13.46 17.15
C PHE A 33 -16.67 -13.63 15.89
N THR A 34 -15.92 -12.57 15.52
CA THR A 34 -15.00 -12.52 14.38
C THR A 34 -13.79 -13.44 14.62
N ARG A 35 -13.25 -13.44 15.87
CA ARG A 35 -12.13 -14.29 16.27
C ARG A 35 -12.48 -15.77 16.07
N ARG A 36 -13.70 -16.15 16.48
CA ARG A 36 -14.24 -17.51 16.36
C ARG A 36 -14.64 -17.82 14.91
N GLY A 37 -15.16 -16.82 14.21
CA GLY A 37 -15.62 -16.92 12.83
C GLY A 37 -14.52 -17.22 11.83
N LEU A 38 -13.30 -16.72 12.09
CA LEU A 38 -12.16 -16.92 11.20
C LEU A 38 -11.42 -18.25 11.43
N VAL A 39 -11.81 -19.02 12.47
CA VAL A 39 -11.21 -20.33 12.79
C VAL A 39 -11.49 -21.35 11.67
N THR A 40 -12.72 -21.34 11.12
CA THR A 40 -13.15 -22.22 10.03
C THR A 40 -12.36 -21.93 8.73
N PRO A 41 -12.32 -20.69 8.13
CA PRO A 41 -11.52 -20.49 6.90
C PRO A 41 -10.01 -20.65 7.09
N ARG A 42 -9.52 -20.52 8.35
CA ARG A 42 -8.12 -20.68 8.74
C ARG A 42 -7.76 -22.15 8.53
N MET A 43 -8.44 -23.07 9.27
CA MET A 43 -8.27 -24.52 9.19
C MET A 43 -8.59 -25.07 7.79
N ALA A 44 -9.46 -24.38 7.03
CA ALA A 44 -9.84 -24.75 5.67
C ALA A 44 -8.68 -24.60 4.70
N GLU A 45 -7.99 -23.45 4.74
CA GLU A 45 -6.84 -23.14 3.89
C GLU A 45 -5.57 -23.86 4.37
N VAL A 46 -5.43 -24.06 5.70
CA VAL A 46 -4.31 -24.77 6.32
C VAL A 46 -4.33 -26.23 5.85
N ALA A 47 -5.49 -26.90 5.95
CA ALA A 47 -5.64 -28.28 5.51
C ALA A 47 -5.65 -28.43 3.97
N SER A 48 -5.93 -27.37 3.21
CA SER A 48 -5.94 -27.46 1.75
C SER A 48 -4.55 -27.39 1.09
N ARG A 49 -3.69 -26.44 1.55
CA ARG A 49 -2.35 -26.16 1.01
C ARG A 49 -1.39 -27.36 1.01
N ASP A 50 -0.60 -27.48 -0.07
CA ASP A 50 0.44 -28.50 -0.28
C ASP A 50 1.53 -28.28 0.77
N PRO A 51 1.95 -29.30 1.55
CA PRO A 51 2.98 -29.06 2.58
C PRO A 51 4.37 -28.78 2.01
N LYS A 52 4.77 -29.53 0.97
CA LYS A 52 6.08 -29.41 0.30
C LYS A 52 6.22 -28.08 -0.44
N LEU A 53 5.15 -27.62 -1.13
CA LEU A 53 5.17 -26.38 -1.89
C LEU A 53 5.06 -25.12 -1.03
N TYR A 54 4.41 -25.22 0.16
CA TYR A 54 4.28 -24.11 1.11
C TYR A 54 5.64 -23.80 1.75
N ALA A 55 6.44 -24.86 1.99
CA ALA A 55 7.78 -24.78 2.58
C ALA A 55 8.79 -24.13 1.64
N MET A 56 8.62 -24.31 0.31
CA MET A 56 9.55 -23.77 -0.69
C MET A 56 9.06 -22.49 -1.40
N HIS A 57 7.74 -22.22 -1.39
CA HIS A 57 7.09 -21.02 -1.99
C HIS A 57 7.68 -20.60 -3.38
N PRO A 58 7.44 -21.36 -4.48
CA PRO A 58 8.01 -20.94 -5.78
C PRO A 58 7.35 -19.67 -6.35
N TRP A 59 8.13 -18.59 -6.44
CA TRP A 59 7.68 -17.30 -6.95
C TRP A 59 7.61 -17.37 -8.47
N VAL A 60 6.40 -17.64 -8.99
CA VAL A 60 6.15 -17.80 -10.43
C VAL A 60 5.06 -16.87 -10.96
N THR A 61 5.30 -16.35 -12.17
CA THR A 61 4.37 -15.50 -12.89
C THR A 61 3.92 -16.20 -14.17
N SER A 62 2.65 -16.03 -14.56
CA SER A 62 2.12 -16.62 -15.79
C SER A 62 2.01 -15.54 -16.88
N LYS A 63 2.51 -14.33 -16.55
CA LYS A 63 2.58 -13.17 -17.44
C LYS A 63 3.62 -13.49 -18.53
N PRO A 64 3.41 -13.08 -19.81
CA PRO A 64 4.41 -13.40 -20.84
C PRO A 64 5.73 -12.63 -20.70
N LEU A 65 6.82 -13.19 -21.23
CA LEU A 65 8.15 -12.56 -21.22
C LEU A 65 8.10 -11.38 -22.20
N PRO A 66 8.41 -10.13 -21.75
CA PRO A 66 8.29 -8.98 -22.67
C PRO A 66 9.32 -8.97 -23.79
N GLU A 67 9.07 -8.17 -24.86
CA GLU A 67 9.93 -8.02 -26.03
C GLU A 67 11.34 -7.49 -25.71
N TYR A 68 11.47 -6.66 -24.64
CA TYR A 68 12.75 -6.10 -24.20
C TYR A 68 13.57 -7.11 -23.38
N LEU A 69 12.88 -8.04 -22.70
CA LEU A 69 13.51 -9.10 -21.89
C LEU A 69 13.76 -10.37 -22.72
N TRP A 70 13.00 -10.56 -23.82
CA TRP A 70 13.09 -11.69 -24.75
C TRP A 70 14.44 -11.75 -25.48
N LYS A 71 15.05 -10.58 -25.76
CA LYS A 71 16.33 -10.47 -26.44
C LYS A 71 17.47 -10.35 -25.43
N ASN A 76 16.82 -18.35 -28.23
CA ASN A 76 16.60 -19.48 -27.33
C ASN A 76 17.91 -19.96 -26.68
N CYS A 77 17.80 -20.87 -25.68
CA CYS A 77 18.88 -21.48 -24.90
C CYS A 77 19.66 -20.45 -24.05
N ILE A 78 19.26 -20.31 -22.76
CA ILE A 78 19.86 -19.40 -21.77
C ILE A 78 20.50 -20.23 -20.64
N PHE A 79 21.78 -19.96 -20.34
CA PHE A 79 22.60 -20.70 -19.37
C PHE A 79 22.42 -20.31 -17.89
N ILE A 80 22.56 -21.32 -17.00
CA ILE A 80 22.50 -21.25 -15.53
C ILE A 80 23.68 -22.05 -14.92
N VAL A 81 24.14 -21.71 -13.70
CA VAL A 81 25.27 -22.41 -13.06
C VAL A 81 24.88 -23.07 -11.72
N ILE A 82 24.81 -24.42 -11.71
CA ILE A 82 24.46 -25.22 -10.53
C ILE A 82 25.70 -25.48 -9.67
N HIS A 83 25.58 -25.24 -8.35
CA HIS A 83 26.64 -25.44 -7.36
C HIS A 83 26.29 -26.54 -6.37
N ARG A 84 27.33 -27.24 -5.86
CA ARG A 84 27.34 -28.32 -4.87
C ARG A 84 28.80 -28.60 -4.56
N SER A 85 29.12 -28.97 -3.29
CA SER A 85 30.49 -29.23 -2.81
C SER A 85 31.41 -28.08 -3.28
N THR A 86 32.38 -28.35 -4.17
CA THR A 86 33.27 -27.35 -4.77
C THR A 86 33.03 -27.27 -6.30
N THR A 87 32.05 -28.06 -6.80
CA THR A 87 31.67 -28.10 -8.21
C THR A 87 31.04 -26.77 -8.67
N SER A 88 31.32 -26.37 -9.92
CA SER A 88 30.85 -25.14 -10.55
C SER A 88 30.79 -25.33 -12.08
N GLN A 89 29.65 -25.82 -12.58
CA GLN A 89 29.47 -26.08 -14.01
C GLN A 89 28.26 -25.40 -14.62
N THR A 90 28.46 -24.84 -15.82
CA THR A 90 27.44 -24.13 -16.62
C THR A 90 26.60 -25.17 -17.39
N ILE A 91 25.28 -24.93 -17.52
CA ILE A 91 24.34 -25.80 -18.23
C ILE A 91 23.44 -24.98 -19.15
N LYS A 92 23.36 -25.35 -20.45
CA LYS A 92 22.52 -24.68 -21.45
C LYS A 92 21.07 -25.15 -21.28
N VAL A 93 20.19 -24.23 -20.83
CA VAL A 93 18.77 -24.52 -20.55
C VAL A 93 17.84 -23.80 -21.53
N SER A 94 16.83 -24.53 -22.04
CA SER A 94 15.80 -23.98 -22.91
C SER A 94 14.82 -23.18 -22.01
N PRO A 95 14.33 -21.97 -22.43
CA PRO A 95 13.39 -21.23 -21.55
C PRO A 95 12.23 -22.06 -21.03
N ASP A 96 11.66 -22.93 -21.88
CA ASP A 96 10.58 -23.85 -21.53
C ASP A 96 11.23 -25.12 -20.94
N ASP A 97 11.47 -25.11 -19.61
CA ASP A 97 12.08 -26.24 -18.90
C ASP A 97 11.74 -26.24 -17.41
N THR A 98 11.12 -27.33 -16.94
CA THR A 98 10.72 -27.56 -15.56
C THR A 98 11.98 -27.81 -14.70
N PRO A 99 12.12 -27.22 -13.48
CA PRO A 99 13.33 -27.50 -12.66
C PRO A 99 13.55 -28.98 -12.38
N GLY A 100 12.47 -29.75 -12.28
CA GLY A 100 12.48 -31.20 -12.07
C GLY A 100 12.99 -31.95 -13.29
N ALA A 101 12.84 -31.34 -14.48
CA ALA A 101 13.32 -31.87 -15.76
C ALA A 101 14.77 -31.43 -16.02
N ILE A 102 15.22 -30.34 -15.35
CA ILE A 102 16.58 -29.80 -15.43
C ILE A 102 17.47 -30.60 -14.48
N SER A 105 18.53 -33.64 -16.48
CA SER A 105 19.66 -33.15 -17.30
C SER A 105 20.97 -33.04 -16.51
N PHE A 106 20.89 -33.09 -15.16
CA PHE A 106 22.05 -33.03 -14.27
C PHE A 106 22.66 -34.42 -14.05
N PHE A 107 21.81 -35.46 -14.04
CA PHE A 107 22.23 -36.86 -13.89
C PHE A 107 22.88 -37.37 -15.18
N THR A 108 22.48 -36.79 -16.34
CA THR A 108 22.98 -37.11 -17.68
C THR A 108 24.42 -36.63 -17.80
N GLN A 126 16.02 -39.32 -6.72
CA GLN A 126 16.22 -37.88 -6.97
C GLN A 126 15.34 -37.01 -6.07
N ASP A 127 15.88 -36.60 -4.91
CA ASP A 127 15.16 -35.74 -3.97
C ASP A 127 16.07 -34.62 -3.42
N PHE A 128 16.67 -33.88 -4.37
CA PHE A 128 17.52 -32.71 -4.17
C PHE A 128 16.84 -31.56 -4.91
N VAL A 129 16.95 -30.34 -4.36
CA VAL A 129 16.28 -29.18 -4.96
C VAL A 129 17.28 -28.07 -5.35
N LEU A 130 16.91 -27.28 -6.38
CA LEU A 130 17.73 -26.19 -6.91
C LEU A 130 17.39 -24.83 -6.28
N ARG A 131 18.17 -24.41 -5.26
CA ARG A 131 17.99 -23.15 -4.53
C ARG A 131 18.84 -22.02 -5.11
N VAL A 132 18.36 -20.77 -5.00
CA VAL A 132 19.08 -19.57 -5.47
C VAL A 132 20.22 -19.26 -4.48
N CYS A 133 21.40 -18.89 -4.99
CA CYS A 133 22.59 -18.57 -4.19
C CYS A 133 22.44 -17.28 -3.39
N GLY A 134 22.57 -17.40 -2.07
CA GLY A 134 22.47 -16.30 -1.11
C GLY A 134 21.07 -16.01 -0.61
N ARG A 135 20.06 -16.51 -1.35
CA ARG A 135 18.65 -16.29 -1.03
C ARG A 135 17.92 -17.58 -0.75
N ASP A 136 16.74 -17.46 -0.15
CA ASP A 136 15.90 -18.61 0.10
C ASP A 136 15.01 -18.86 -1.10
N GLU A 137 14.98 -17.92 -2.08
CA GLU A 137 14.20 -18.03 -3.32
C GLU A 137 14.44 -19.37 -3.99
N TYR A 138 13.36 -20.10 -4.27
CA TYR A 138 13.44 -21.44 -4.85
C TYR A 138 13.02 -21.52 -6.30
N LEU A 139 13.67 -22.44 -7.04
CA LEU A 139 13.37 -22.78 -8.42
C LEU A 139 12.82 -24.21 -8.38
N VAL A 140 11.53 -24.33 -7.96
CA VAL A 140 10.83 -25.61 -7.76
C VAL A 140 9.44 -25.64 -8.43
N GLY A 141 8.86 -26.83 -8.54
CA GLY A 141 7.52 -27.02 -9.09
C GLY A 141 7.47 -27.31 -10.58
N GLU A 142 6.25 -27.53 -11.10
CA GLU A 142 6.01 -27.83 -12.51
C GLU A 142 5.66 -26.57 -13.31
N THR A 143 6.65 -25.68 -13.47
CA THR A 143 6.57 -24.40 -14.19
C THR A 143 7.87 -24.16 -14.98
N PRO A 144 7.85 -23.48 -16.15
CA PRO A 144 9.10 -23.21 -16.88
C PRO A 144 10.00 -22.23 -16.15
N ILE A 145 11.33 -22.28 -16.39
CA ILE A 145 12.29 -21.36 -15.76
C ILE A 145 12.11 -19.93 -16.23
N LYS A 146 11.62 -19.74 -17.48
CA LYS A 146 11.33 -18.42 -18.05
C LYS A 146 10.18 -17.73 -17.29
N ASN A 147 9.32 -18.53 -16.62
CA ASN A 147 8.17 -18.06 -15.84
C ASN A 147 8.51 -17.67 -14.38
N PHE A 148 9.73 -17.98 -13.92
CA PHE A 148 10.19 -17.64 -12.56
C PHE A 148 10.59 -16.17 -12.48
N GLN A 149 10.12 -15.49 -11.41
CA GLN A 149 10.38 -14.06 -11.16
C GLN A 149 11.86 -13.77 -10.87
N TRP A 150 12.63 -14.78 -10.44
CA TRP A 150 14.05 -14.63 -10.18
C TRP A 150 14.85 -14.57 -11.48
N VAL A 151 14.56 -15.51 -12.40
CA VAL A 151 15.21 -15.63 -13.72
C VAL A 151 14.96 -14.36 -14.54
N ARG A 152 13.72 -13.82 -14.49
CA ARG A 152 13.32 -12.60 -15.19
C ARG A 152 14.06 -11.37 -14.67
N HIS A 153 14.33 -11.33 -13.35
CA HIS A 153 15.08 -10.25 -12.68
C HIS A 153 16.54 -10.24 -13.14
N CYS A 154 17.13 -11.44 -13.30
CA CYS A 154 18.51 -11.64 -13.76
C CYS A 154 18.71 -11.22 -15.23
N LEU A 155 17.62 -11.24 -16.03
CA LEU A 155 17.66 -10.82 -17.43
C LEU A 155 17.49 -9.31 -17.54
N LYS A 156 16.78 -8.69 -16.58
CA LYS A 156 16.51 -7.25 -16.52
C LYS A 156 17.79 -6.45 -16.26
N ASN A 157 18.53 -6.82 -15.19
CA ASN A 157 19.79 -6.18 -14.80
C ASN A 157 20.95 -6.67 -15.65
N GLY A 158 20.84 -7.90 -16.17
CA GLY A 158 21.86 -8.55 -16.99
C GLY A 158 22.86 -9.28 -16.11
N GLU A 159 22.35 -9.95 -15.06
CA GLU A 159 23.12 -10.71 -14.08
C GLU A 159 23.08 -12.22 -14.35
N GLU A 160 24.13 -12.94 -13.90
CA GLU A 160 24.29 -14.39 -14.06
C GLU A 160 23.35 -15.15 -13.12
N ILE A 161 22.76 -16.26 -13.61
CA ILE A 161 21.83 -17.09 -12.84
C ILE A 161 22.60 -18.20 -12.12
N HIS A 162 22.83 -18.02 -10.80
CA HIS A 162 23.55 -19.00 -9.99
C HIS A 162 22.62 -19.75 -9.05
N VAL A 163 22.72 -21.10 -9.08
CA VAL A 163 21.90 -22.05 -8.34
C VAL A 163 22.77 -22.98 -7.45
N VAL A 164 22.16 -23.65 -6.45
CA VAL A 164 22.80 -24.59 -5.53
C VAL A 164 21.91 -25.84 -5.28
N LEU A 165 22.47 -27.05 -5.48
CA LEU A 165 21.80 -28.32 -5.28
C LEU A 165 21.76 -28.62 -3.77
N ASP A 166 20.69 -28.14 -3.12
CA ASP A 166 20.45 -28.24 -1.67
C ASP A 166 19.32 -29.23 -1.36
N THR A 167 19.27 -29.74 -0.11
CA THR A 167 18.21 -30.64 0.33
C THR A 167 16.91 -29.84 0.58
N PRO A 168 15.73 -30.30 0.10
CA PRO A 168 14.49 -29.53 0.31
C PRO A 168 14.09 -29.38 1.78
N PRO A 169 13.58 -28.20 2.21
CA PRO A 169 13.19 -28.04 3.62
C PRO A 169 12.04 -28.96 4.02
N ASP A 170 12.13 -29.51 5.24
CA ASP A 170 11.14 -30.44 5.80
C ASP A 170 9.83 -29.72 6.15
N PRO A 171 8.67 -30.13 5.57
CA PRO A 171 7.40 -29.48 5.91
C PRO A 171 6.90 -29.74 7.33
N ALA A 172 7.68 -30.49 8.14
CA ALA A 172 7.39 -30.78 9.54
C ALA A 172 7.65 -29.51 10.36
N LEU A 173 8.54 -28.63 9.85
CA LEU A 173 8.91 -27.34 10.44
C LEU A 173 7.75 -26.34 10.34
N ASP A 174 6.85 -26.57 9.34
CA ASP A 174 5.65 -25.75 9.08
C ASP A 174 4.39 -26.25 9.77
N GLU A 175 4.54 -27.17 10.78
CA GLU A 175 3.45 -27.72 11.58
C GLU A 175 2.70 -26.62 12.33
N VAL A 176 1.40 -26.84 12.53
CA VAL A 176 0.51 -25.89 13.16
C VAL A 176 0.08 -26.40 14.55
N ARG A 177 0.19 -25.56 15.60
CA ARG A 177 -0.27 -25.93 16.93
C ARG A 177 -1.78 -26.29 16.72
N LYS A 178 -2.24 -27.49 17.21
CA LYS A 178 -3.61 -28.04 17.12
C LYS A 178 -4.71 -27.04 17.59
N GLU A 179 -5.49 -27.37 18.64
CA GLU A 179 -6.59 -26.58 19.24
C GLU A 179 -7.61 -25.99 18.17
N CYS A 215 -40.19 -3.33 13.24
CA CYS A 215 -41.57 -2.92 13.03
C CYS A 215 -41.68 -1.97 11.82
N ASP A 216 -42.84 -1.30 11.68
CA ASP A 216 -43.18 -0.36 10.60
C ASP A 216 -42.95 1.11 11.02
N ARG A 217 -42.87 1.37 12.34
CA ARG A 217 -42.69 2.70 12.92
C ARG A 217 -41.38 3.38 12.51
N LYS A 218 -41.35 4.73 12.58
CA LYS A 218 -40.19 5.55 12.25
C LYS A 218 -39.07 5.38 13.28
N PHE A 219 -37.80 5.35 12.83
CA PHE A 219 -36.64 5.19 13.70
C PHE A 219 -36.42 6.40 14.60
N ARG A 220 -36.24 6.14 15.91
CA ARG A 220 -35.99 7.17 16.91
C ARG A 220 -34.86 6.76 17.85
N VAL A 221 -34.01 7.73 18.21
CA VAL A 221 -32.87 7.54 19.12
C VAL A 221 -32.94 8.57 20.27
N LYS A 222 -32.74 8.11 21.53
CA LYS A 222 -32.79 8.99 22.70
C LYS A 222 -31.38 9.39 23.11
N ILE A 223 -31.14 10.70 23.28
CA ILE A 223 -29.84 11.24 23.64
C ILE A 223 -29.89 11.77 25.07
N ARG A 224 -29.22 11.06 26.00
CA ARG A 224 -29.16 11.44 27.42
C ARG A 224 -28.33 12.70 27.62
N GLY A 225 -27.09 12.68 27.13
CA GLY A 225 -26.18 13.81 27.25
C GLY A 225 -24.72 13.51 26.92
N ILE A 226 -23.85 14.53 27.12
CA ILE A 226 -22.41 14.45 26.86
C ILE A 226 -21.58 14.78 28.11
N ASP A 227 -20.41 14.14 28.26
CA ASP A 227 -19.52 14.36 29.40
C ASP A 227 -18.06 14.42 28.94
N ILE A 228 -17.39 15.54 29.26
CA ILE A 228 -15.99 15.81 28.92
C ILE A 228 -15.16 16.01 30.22
N PRO A 229 -13.96 15.38 30.36
CA PRO A 229 -13.19 15.57 31.61
C PRO A 229 -12.70 17.01 31.83
N VAL A 230 -12.25 17.70 30.76
CA VAL A 230 -11.74 19.08 30.84
C VAL A 230 -12.49 20.01 29.88
N LEU A 237 -18.22 27.84 23.10
CA LEU A 237 -19.19 28.35 24.07
C LEU A 237 -20.58 27.71 23.93
N THR A 238 -20.90 27.14 22.74
CA THR A 238 -22.16 26.46 22.45
C THR A 238 -21.88 25.11 21.76
N VAL A 239 -22.72 24.08 22.05
CA VAL A 239 -22.53 22.73 21.51
C VAL A 239 -23.87 21.98 21.26
N PHE A 240 -23.89 21.08 20.22
CA PHE A 240 -25.05 20.27 19.86
C PHE A 240 -24.67 18.94 19.17
N VAL A 241 -25.56 17.94 19.22
CA VAL A 241 -25.39 16.60 18.64
C VAL A 241 -26.11 16.51 17.29
N GLU A 242 -25.41 16.03 16.24
CA GLU A 242 -25.98 15.80 14.90
C GLU A 242 -25.89 14.30 14.63
N ALA A 243 -27.07 13.65 14.53
CA ALA A 243 -27.15 12.22 14.28
C ALA A 243 -27.51 11.96 12.83
N ASN A 244 -26.62 11.27 12.10
CA ASN A 244 -26.78 10.94 10.69
C ASN A 244 -26.88 9.43 10.50
N ILE A 245 -27.74 8.98 9.58
CA ILE A 245 -27.88 7.56 9.24
C ILE A 245 -27.18 7.42 7.88
N GLN A 246 -25.99 6.78 7.87
CA GLN A 246 -25.16 6.65 6.67
C GLN A 246 -25.07 5.25 6.10
N HIS A 247 -25.09 5.15 4.76
CA HIS A 247 -24.93 3.91 4.02
C HIS A 247 -24.17 4.22 2.72
N GLY A 248 -22.87 3.94 2.75
CA GLY A 248 -21.95 4.21 1.64
C GLY A 248 -21.67 5.68 1.49
N GLN A 249 -21.37 6.36 2.62
CA GLN A 249 -21.10 7.80 2.76
C GLN A 249 -22.29 8.69 2.35
N GLN A 250 -23.43 8.07 2.03
CA GLN A 250 -24.66 8.74 1.64
C GLN A 250 -25.58 8.83 2.86
N VAL A 251 -25.98 10.06 3.24
CA VAL A 251 -26.87 10.28 4.37
C VAL A 251 -28.30 9.98 3.94
N LEU A 252 -28.94 9.00 4.62
CA LEU A 252 -30.31 8.58 4.35
C LEU A 252 -31.30 9.55 5.01
N CYS A 253 -30.97 10.01 6.24
CA CYS A 253 -31.73 10.98 7.05
C CYS A 253 -30.83 11.60 8.14
N GLN A 254 -31.12 12.85 8.56
CA GLN A 254 -30.33 13.58 9.56
C GLN A 254 -31.18 14.48 10.48
N ARG A 255 -30.91 14.42 11.81
CA ARG A 255 -31.57 15.24 12.84
C ARG A 255 -30.52 15.81 13.81
N ARG A 256 -30.73 17.06 14.27
CA ARG A 256 -29.84 17.75 15.20
C ARG A 256 -30.56 18.12 16.52
N THR A 257 -29.78 18.33 17.60
CA THR A 257 -30.32 18.71 18.92
C THR A 257 -30.29 20.23 19.09
N SER A 258 -31.07 20.76 20.05
CA SER A 258 -31.12 22.18 20.35
C SER A 258 -29.78 22.60 20.98
N PRO A 259 -29.05 23.59 20.37
CA PRO A 259 -27.73 23.97 20.92
C PRO A 259 -27.77 24.56 22.33
N LYS A 260 -27.15 23.84 23.28
CA LYS A 260 -27.04 24.23 24.68
C LYS A 260 -25.58 24.63 24.99
N PRO A 261 -25.31 25.52 25.98
CA PRO A 261 -23.92 25.93 26.24
C PRO A 261 -22.97 24.80 26.61
N PHE A 262 -21.71 24.90 26.15
CA PHE A 262 -20.67 23.90 26.38
C PHE A 262 -20.08 23.94 27.79
N THR A 263 -20.17 22.80 28.50
CA THR A 263 -19.67 22.59 29.86
C THR A 263 -19.20 21.12 30.03
N GLU A 264 -18.78 20.74 31.26
CA GLU A 264 -18.31 19.38 31.57
C GLU A 264 -19.41 18.31 31.46
N GLU A 265 -20.69 18.71 31.62
CA GLU A 265 -21.85 17.84 31.53
C GLU A 265 -23.01 18.58 30.86
N VAL A 266 -23.29 18.27 29.58
CA VAL A 266 -24.39 18.88 28.83
C VAL A 266 -25.45 17.81 28.60
N LEU A 267 -26.58 17.92 29.31
CA LEU A 267 -27.70 16.96 29.23
C LEU A 267 -28.85 17.51 28.38
N TRP A 268 -29.59 16.61 27.70
CA TRP A 268 -30.70 16.99 26.82
C TRP A 268 -31.99 16.20 27.05
N ASN A 269 -31.90 14.84 27.09
CA ASN A 269 -33.02 13.90 27.22
C ASN A 269 -33.96 14.08 26.00
N VAL A 270 -33.35 14.18 24.79
CA VAL A 270 -34.03 14.44 23.52
C VAL A 270 -34.22 13.16 22.68
N TRP A 271 -35.47 12.93 22.24
CA TRP A 271 -35.83 11.83 21.36
C TRP A 271 -35.75 12.35 19.93
N LEU A 272 -34.71 11.92 19.19
CA LEU A 272 -34.51 12.32 17.79
C LEU A 272 -35.21 11.30 16.89
N GLU A 273 -36.45 11.63 16.48
CA GLU A 273 -37.27 10.79 15.60
C GLU A 273 -37.04 11.17 14.15
N PHE A 274 -36.55 10.20 13.36
CA PHE A 274 -36.22 10.34 11.93
C PHE A 274 -37.41 9.94 11.05
N SER A 275 -37.29 10.18 9.73
CA SER A 275 -38.31 9.86 8.72
C SER A 275 -38.27 8.40 8.28
N ILE A 276 -37.08 7.76 8.34
CA ILE A 276 -36.86 6.38 7.92
C ILE A 276 -37.53 5.37 8.86
N LYS A 277 -38.25 4.39 8.27
CA LYS A 277 -38.94 3.31 9.00
C LYS A 277 -37.92 2.24 9.42
N ILE A 278 -38.23 1.45 10.46
CA ILE A 278 -37.37 0.37 10.99
C ILE A 278 -37.09 -0.70 9.91
N LYS A 279 -38.12 -1.06 9.12
CA LYS A 279 -38.02 -2.04 8.03
C LYS A 279 -37.08 -1.57 6.91
N ASP A 280 -37.08 -0.26 6.63
CA ASP A 280 -36.28 0.38 5.58
C ASP A 280 -34.77 0.40 5.84
N LEU A 281 -34.33 0.28 7.12
CA LEU A 281 -32.92 0.30 7.51
C LEU A 281 -32.05 -0.76 6.80
N PRO A 282 -31.06 -0.35 5.99
CA PRO A 282 -30.20 -1.35 5.31
C PRO A 282 -29.11 -1.88 6.22
N LYS A 283 -28.73 -3.16 6.07
CA LYS A 283 -27.66 -3.78 6.85
C LYS A 283 -26.34 -3.11 6.46
N GLY A 284 -25.68 -2.52 7.44
CA GLY A 284 -24.44 -1.79 7.25
C GLY A 284 -24.61 -0.30 7.41
N ALA A 285 -25.80 0.13 7.89
CA ALA A 285 -26.11 1.53 8.15
C ALA A 285 -25.43 1.95 9.44
N LEU A 286 -24.82 3.14 9.43
CA LEU A 286 -24.10 3.68 10.59
C LEU A 286 -24.80 4.88 11.20
N LEU A 287 -24.99 4.84 12.54
CA LEU A 287 -25.55 5.97 13.27
C LEU A 287 -24.33 6.83 13.64
N ASN A 288 -24.06 7.83 12.81
CA ASN A 288 -22.93 8.73 12.97
C ASN A 288 -23.32 9.91 13.86
N LEU A 289 -22.79 9.91 15.10
CA LEU A 289 -23.04 10.97 16.08
C LEU A 289 -21.89 11.98 16.02
N GLN A 290 -22.22 13.26 15.89
CA GLN A 290 -21.24 14.34 15.74
C GLN A 290 -21.51 15.54 16.65
N ILE A 291 -20.44 16.07 17.28
CA ILE A 291 -20.46 17.19 18.23
C ILE A 291 -19.93 18.47 17.53
N TYR A 292 -20.79 19.50 17.38
CA TYR A 292 -20.45 20.74 16.67
C TYR A 292 -20.25 21.98 17.56
N CYS A 293 -19.51 22.97 17.00
CA CYS A 293 -19.11 24.26 17.57
C CYS A 293 -18.30 24.11 18.85
N VAL A 316 -19.57 27.52 12.69
CA VAL A 316 -19.63 26.30 13.50
C VAL A 316 -18.78 25.17 12.88
N ARG A 317 -18.07 24.41 13.73
CA ARG A 317 -17.18 23.33 13.26
C ARG A 317 -17.27 22.05 14.07
N LEU A 318 -16.95 20.91 13.44
CA LEU A 318 -16.96 19.59 14.07
C LEU A 318 -15.80 19.42 15.06
N LEU A 319 -16.11 18.88 16.26
CA LEU A 319 -15.13 18.67 17.32
C LEU A 319 -14.92 17.19 17.65
N TYR A 320 -16.01 16.42 17.83
CA TYR A 320 -15.95 15.00 18.16
C TYR A 320 -16.89 14.14 17.30
N TYR A 321 -16.45 12.90 16.99
CA TYR A 321 -17.26 11.96 16.20
C TYR A 321 -17.21 10.52 16.74
N VAL A 322 -18.31 9.77 16.53
CA VAL A 322 -18.45 8.36 16.89
C VAL A 322 -19.56 7.69 16.05
N ASN A 323 -19.35 6.42 15.68
CA ASN A 323 -20.29 5.64 14.87
C ASN A 323 -20.74 4.37 15.60
N LEU A 324 -21.94 3.87 15.24
CA LEU A 324 -22.52 2.66 15.81
C LEU A 324 -23.40 2.00 14.75
N LEU A 325 -23.14 0.71 14.45
CA LEU A 325 -23.90 -0.05 13.46
C LEU A 325 -25.32 -0.31 13.95
N LEU A 326 -26.31 0.29 13.26
CA LEU A 326 -27.74 0.18 13.58
C LEU A 326 -28.25 -1.26 13.53
N ILE A 327 -27.73 -2.07 12.60
CA ILE A 327 -28.01 -3.51 12.47
C ILE A 327 -26.65 -4.18 12.71
N ASP A 328 -26.55 -5.05 13.73
CA ASP A 328 -25.30 -5.71 14.12
C ASP A 328 -24.92 -6.93 13.25
N HIS A 329 -23.86 -7.64 13.66
CA HIS A 329 -23.28 -8.83 13.01
C HIS A 329 -24.19 -10.09 13.06
N ARG A 330 -25.30 -10.02 13.82
CA ARG A 330 -26.26 -11.12 13.95
C ARG A 330 -27.62 -10.76 13.30
N PHE A 331 -27.63 -9.70 12.45
CA PHE A 331 -28.77 -9.14 11.72
C PHE A 331 -29.86 -8.56 12.65
N LEU A 332 -29.58 -8.49 13.96
CA LEU A 332 -30.48 -7.93 14.97
C LEU A 332 -30.28 -6.43 15.06
N LEU A 333 -31.36 -5.69 15.33
CA LEU A 333 -31.31 -4.24 15.47
C LEU A 333 -30.73 -3.90 16.84
N ARG A 334 -29.96 -2.80 16.94
CA ARG A 334 -29.35 -2.39 18.20
C ARG A 334 -30.38 -1.79 19.15
N ARG A 335 -30.27 -2.19 20.42
CA ARG A 335 -31.15 -1.79 21.52
C ARG A 335 -30.33 -1.60 22.79
N GLY A 336 -30.83 -0.76 23.70
CA GLY A 336 -30.23 -0.50 25.00
C GLY A 336 -29.34 0.73 25.11
N GLU A 337 -28.69 0.88 26.28
CA GLU A 337 -27.80 1.98 26.61
C GLU A 337 -26.41 1.78 26.06
N TYR A 338 -25.77 2.89 25.62
CA TYR A 338 -24.43 2.90 25.07
C TYR A 338 -23.66 4.15 25.50
N VAL A 339 -22.56 3.96 26.23
CA VAL A 339 -21.68 5.05 26.67
C VAL A 339 -20.45 4.96 25.74
N LEU A 340 -20.55 5.65 24.59
CA LEU A 340 -19.54 5.67 23.54
C LEU A 340 -18.53 6.78 23.72
N HIS A 341 -17.24 6.43 23.64
CA HIS A 341 -16.13 7.38 23.76
C HIS A 341 -15.69 7.82 22.36
N MET A 342 -15.84 9.12 22.07
CA MET A 342 -15.64 9.76 20.77
C MET A 342 -14.19 10.11 20.42
N TRP A 343 -13.91 10.25 19.10
CA TRP A 343 -12.62 10.63 18.53
C TRP A 343 -12.62 12.13 18.24
N GLN A 344 -11.49 12.80 18.52
CA GLN A 344 -11.31 14.24 18.32
C GLN A 344 -10.72 14.55 16.93
N ILE A 345 -11.14 15.67 16.32
CA ILE A 345 -10.68 16.15 15.01
C ILE A 345 -9.38 16.98 15.16
N SER A 346 -8.51 16.93 14.14
CA SER A 346 -7.26 17.68 14.07
C SER A 346 -7.17 18.43 12.71
N GLY A 347 -7.22 19.75 12.78
CA GLY A 347 -7.16 20.63 11.61
C GLY A 347 -7.88 21.94 11.81
N ASN A 356 -11.51 11.00 4.78
CA ASN A 356 -10.68 10.18 5.66
C ASN A 356 -11.42 8.90 6.09
N ALA A 357 -10.72 7.75 5.98
CA ALA A 357 -11.25 6.42 6.36
C ALA A 357 -11.46 6.36 7.86
N ASP A 358 -10.56 7.00 8.64
CA ASP A 358 -10.62 7.09 10.10
C ASP A 358 -11.96 7.64 10.60
N LYS A 359 -12.64 8.49 9.81
CA LYS A 359 -13.94 9.09 10.11
C LYS A 359 -15.10 8.06 10.04
N LEU A 360 -14.86 6.91 9.39
CA LEU A 360 -15.85 5.85 9.16
C LEU A 360 -15.85 4.69 10.16
N THR A 361 -14.81 4.60 11.03
CA THR A 361 -14.61 3.50 12.00
C THR A 361 -15.82 3.21 12.92
N SER A 362 -16.03 1.90 13.21
CA SER A 362 -17.07 1.36 14.10
C SER A 362 -16.53 1.15 15.53
N ALA A 363 -15.26 1.52 15.76
CA ALA A 363 -14.56 1.43 17.04
C ALA A 363 -14.59 2.76 17.79
N THR A 364 -14.69 2.69 19.14
CA THR A 364 -14.73 3.85 20.04
C THR A 364 -13.33 4.13 20.59
N ASN A 365 -13.05 5.38 21.01
CA ASN A 365 -11.78 5.85 21.55
C ASN A 365 -11.30 5.01 22.75
N PRO A 366 -10.03 4.51 22.76
CA PRO A 366 -9.57 3.68 23.89
C PRO A 366 -9.22 4.49 25.15
N ASP A 367 -8.64 5.69 24.98
CA ASP A 367 -8.25 6.59 26.07
C ASP A 367 -9.51 7.18 26.71
N LYS A 368 -10.10 6.42 27.66
CA LYS A 368 -11.33 6.79 28.37
C LYS A 368 -11.12 7.94 29.37
N GLU A 369 -9.88 8.13 29.84
CA GLU A 369 -9.51 9.18 30.81
C GLU A 369 -9.53 10.59 30.21
N ASN A 370 -9.15 10.74 28.91
CA ASN A 370 -9.07 12.03 28.23
C ASN A 370 -10.19 12.31 27.22
N SER A 371 -10.70 11.29 26.51
CA SER A 371 -11.73 11.44 25.48
C SER A 371 -13.13 11.82 26.03
N MET A 372 -14.01 12.30 25.13
CA MET A 372 -15.38 12.69 25.43
C MET A 372 -16.34 11.52 25.27
N SER A 373 -17.32 11.43 26.17
CA SER A 373 -18.35 10.38 26.17
C SER A 373 -19.71 10.90 25.71
N ILE A 374 -20.51 10.01 25.09
CA ILE A 374 -21.86 10.30 24.63
C ILE A 374 -22.78 9.13 24.99
N SER A 375 -23.80 9.40 25.83
CA SER A 375 -24.75 8.38 26.27
C SER A 375 -26.01 8.44 25.43
N ILE A 376 -26.35 7.30 24.80
CA ILE A 376 -27.53 7.15 23.94
C ILE A 376 -28.43 6.01 24.44
N LEU A 377 -29.69 5.98 23.95
CA LEU A 377 -30.68 4.96 24.28
C LEU A 377 -31.45 4.53 23.05
N LEU A 378 -31.49 3.21 22.81
CA LEU A 378 -32.19 2.62 21.68
C LEU A 378 -33.27 1.67 22.16
N ASP A 379 -34.50 1.85 21.63
CA ASP A 379 -35.67 1.03 21.93
C ASP A 379 -36.58 1.10 20.70
N ASN A 380 -36.27 0.27 19.70
CA ASN A 380 -36.98 0.21 18.42
C ASN A 380 -37.42 -1.21 18.07
N ARG A 402 -39.35 -5.64 -21.00
CA ARG A 402 -38.14 -6.20 -21.61
C ARG A 402 -38.00 -5.86 -23.11
N ALA A 403 -38.79 -4.84 -23.58
CA ALA A 403 -38.82 -4.36 -24.98
C ALA A 403 -37.49 -3.74 -25.44
N GLU A 404 -36.69 -3.22 -24.48
CA GLU A 404 -35.39 -2.57 -24.61
C GLU A 404 -35.44 -1.20 -25.29
N MET A 405 -34.47 -0.37 -24.88
CA MET A 405 -34.14 1.03 -25.12
C MET A 405 -34.23 1.63 -26.54
N PRO A 406 -34.77 2.88 -26.62
CA PRO A 406 -34.70 3.63 -27.88
C PRO A 406 -33.27 4.17 -28.04
N ASN A 407 -32.85 4.46 -29.28
CA ASN A 407 -31.51 4.91 -29.66
C ASN A 407 -30.90 6.05 -28.83
N GLN A 408 -31.62 7.16 -28.59
CA GLN A 408 -31.08 8.29 -27.84
C GLN A 408 -30.83 7.99 -26.36
N LEU A 409 -31.72 7.20 -25.75
CA LEU A 409 -31.57 6.81 -24.34
C LEU A 409 -30.47 5.76 -24.21
N ARG A 410 -30.35 4.89 -25.24
CA ARG A 410 -29.31 3.87 -25.40
C ARG A 410 -27.96 4.58 -25.41
N LYS A 411 -27.84 5.67 -26.21
CA LYS A 411 -26.65 6.51 -26.32
C LYS A 411 -26.40 7.30 -25.03
N GLN A 412 -27.48 7.70 -24.30
CA GLN A 412 -27.37 8.46 -23.05
C GLN A 412 -26.68 7.70 -21.92
N LEU A 413 -27.11 6.45 -21.61
CA LEU A 413 -26.44 5.71 -20.54
C LEU A 413 -25.10 5.12 -21.01
N GLU A 414 -24.93 4.90 -22.33
CA GLU A 414 -23.66 4.42 -22.89
C GLU A 414 -22.56 5.46 -22.61
N ALA A 415 -22.95 6.75 -22.59
CA ALA A 415 -22.09 7.88 -22.25
C ALA A 415 -21.85 7.93 -20.73
N ILE A 416 -22.88 7.56 -19.92
CA ILE A 416 -22.82 7.51 -18.46
C ILE A 416 -21.82 6.42 -18.03
N ILE A 417 -21.92 5.19 -18.60
CA ILE A 417 -21.02 4.07 -18.32
C ILE A 417 -19.57 4.45 -18.70
N ALA A 418 -19.41 5.17 -19.83
CA ALA A 418 -18.13 5.62 -20.38
C ALA A 418 -17.35 6.64 -19.51
N THR A 419 -18.04 7.38 -18.61
CA THR A 419 -17.38 8.37 -17.74
C THR A 419 -16.48 7.71 -16.67
N ASP A 420 -15.51 8.51 -16.18
CA ASP A 420 -14.51 8.15 -15.16
C ASP A 420 -15.11 7.83 -13.75
N PRO A 421 -14.32 7.25 -12.79
CA PRO A 421 -14.91 6.94 -11.47
C PRO A 421 -15.11 8.15 -10.56
N LEU A 422 -14.59 9.34 -10.95
CA LEU A 422 -14.73 10.56 -10.17
C LEU A 422 -15.81 11.51 -10.69
N ASN A 423 -16.31 11.26 -11.93
CA ASN A 423 -17.38 12.07 -12.51
C ASN A 423 -18.68 11.81 -11.73
N PRO A 424 -19.33 12.86 -11.18
CA PRO A 424 -20.52 12.62 -10.34
C PRO A 424 -21.81 12.42 -11.10
N LEU A 425 -22.61 11.43 -10.65
CA LEU A 425 -23.90 11.11 -11.24
C LEU A 425 -24.94 12.07 -10.69
N THR A 426 -25.78 12.60 -11.58
CA THR A 426 -26.85 13.51 -11.18
C THR A 426 -28.12 12.68 -10.97
N ALA A 427 -29.18 13.29 -10.40
CA ALA A 427 -30.48 12.63 -10.16
C ALA A 427 -31.02 12.07 -11.48
N GLU A 428 -30.86 12.84 -12.59
CA GLU A 428 -31.26 12.48 -13.96
C GLU A 428 -30.55 11.21 -14.42
N ASP A 429 -29.23 11.08 -14.12
CA ASP A 429 -28.40 9.91 -14.47
C ASP A 429 -28.82 8.69 -13.67
N LYS A 430 -28.87 8.82 -12.33
CA LYS A 430 -29.27 7.79 -11.36
C LYS A 430 -30.64 7.19 -11.71
N GLU A 431 -31.60 8.06 -12.08
CA GLU A 431 -32.97 7.67 -12.45
C GLU A 431 -32.99 6.83 -13.73
N LEU A 432 -32.17 7.20 -14.73
CA LEU A 432 -32.05 6.48 -16.01
C LEU A 432 -31.40 5.12 -15.82
N LEU A 433 -30.31 5.06 -15.03
CA LEU A 433 -29.57 3.83 -14.72
C LEU A 433 -30.44 2.81 -13.99
N TRP A 434 -31.30 3.28 -13.07
CA TRP A 434 -32.21 2.41 -12.32
C TRP A 434 -33.35 1.89 -13.19
N HIS A 435 -33.94 2.76 -14.03
CA HIS A 435 -35.04 2.39 -14.92
C HIS A 435 -34.59 1.35 -15.96
N PHE A 436 -33.38 1.52 -16.49
CA PHE A 436 -32.79 0.59 -17.47
C PHE A 436 -31.65 -0.23 -16.83
N ARG A 437 -31.89 -0.74 -15.60
CA ARG A 437 -30.94 -1.53 -14.81
C ARG A 437 -30.61 -2.90 -15.42
N TYR A 438 -31.58 -3.51 -16.14
CA TYR A 438 -31.39 -4.80 -16.79
C TYR A 438 -30.56 -4.66 -18.06
N GLU A 439 -30.58 -3.47 -18.66
CA GLU A 439 -29.77 -3.14 -19.83
C GLU A 439 -28.36 -2.81 -19.34
N SER A 440 -28.28 -2.09 -18.19
CA SER A 440 -27.04 -1.68 -17.50
C SER A 440 -26.23 -2.90 -17.07
N LEU A 441 -26.92 -3.97 -16.61
CA LEU A 441 -26.32 -5.21 -16.12
C LEU A 441 -25.43 -5.92 -17.15
N LYS A 442 -25.72 -5.74 -18.45
CA LYS A 442 -24.94 -6.32 -19.56
C LYS A 442 -23.54 -5.72 -19.63
N HIS A 443 -23.36 -4.48 -19.11
CA HIS A 443 -22.09 -3.77 -19.09
C HIS A 443 -21.44 -3.86 -17.69
N PRO A 444 -20.33 -4.62 -17.54
CA PRO A 444 -19.69 -4.72 -16.21
C PRO A 444 -19.12 -3.40 -15.70
N LYS A 445 -18.71 -2.50 -16.62
CA LYS A 445 -18.17 -1.18 -16.30
C LYS A 445 -19.22 -0.23 -15.70
N ALA A 446 -20.51 -0.61 -15.78
CA ALA A 446 -21.65 0.16 -15.27
C ALA A 446 -21.96 -0.16 -13.81
N TYR A 447 -21.54 -1.34 -13.33
CA TYR A 447 -21.79 -1.85 -11.97
C TYR A 447 -21.55 -0.82 -10.84
N PRO A 448 -20.42 -0.05 -10.75
CA PRO A 448 -20.30 0.93 -9.65
C PRO A 448 -21.30 2.08 -9.76
N LYS A 449 -21.61 2.51 -11.00
CA LYS A 449 -22.56 3.59 -11.30
C LYS A 449 -23.98 3.15 -10.98
N LEU A 450 -24.34 1.90 -11.34
CA LEU A 450 -25.64 1.29 -11.13
C LEU A 450 -25.95 1.10 -9.65
N PHE A 451 -24.96 0.67 -8.85
CA PHE A 451 -25.17 0.45 -7.42
C PHE A 451 -25.03 1.74 -6.60
N SER A 452 -24.73 2.86 -7.29
CA SER A 452 -24.68 4.22 -6.72
C SER A 452 -26.01 4.91 -7.04
N SER A 453 -26.85 4.27 -7.90
CA SER A 453 -28.16 4.72 -8.34
C SER A 453 -29.29 4.05 -7.54
N VAL A 454 -28.91 3.27 -6.51
CA VAL A 454 -29.85 2.52 -5.67
C VAL A 454 -30.31 3.35 -4.47
N LYS A 455 -31.64 3.36 -4.23
CA LYS A 455 -32.24 4.03 -3.08
C LYS A 455 -32.09 3.01 -1.92
N TRP A 456 -30.96 3.08 -1.21
CA TRP A 456 -30.62 2.16 -0.13
C TRP A 456 -31.51 2.34 1.12
N GLY A 457 -32.17 3.49 1.21
CA GLY A 457 -33.09 3.81 2.30
C GLY A 457 -34.48 3.25 2.10
N GLN A 458 -34.65 2.32 1.13
CA GLN A 458 -35.91 1.67 0.77
C GLN A 458 -35.72 0.16 0.65
N GLN A 459 -36.41 -0.63 1.52
CA GLN A 459 -36.36 -2.10 1.56
C GLN A 459 -36.75 -2.74 0.22
N GLU A 460 -37.82 -2.21 -0.41
CA GLU A 460 -38.35 -2.68 -1.70
C GLU A 460 -37.33 -2.53 -2.83
N ILE A 461 -36.65 -1.36 -2.91
CA ILE A 461 -35.60 -1.06 -3.90
C ILE A 461 -34.42 -2.02 -3.71
N VAL A 462 -33.93 -2.15 -2.45
CA VAL A 462 -32.84 -3.03 -2.04
C VAL A 462 -33.15 -4.48 -2.46
N ALA A 463 -34.39 -4.96 -2.19
CA ALA A 463 -34.85 -6.30 -2.55
C ALA A 463 -34.78 -6.58 -4.05
N LYS A 464 -35.04 -5.54 -4.87
CA LYS A 464 -34.99 -5.61 -6.33
C LYS A 464 -33.55 -5.74 -6.83
N THR A 465 -32.58 -5.06 -6.15
CA THR A 465 -31.15 -5.09 -6.49
C THR A 465 -30.55 -6.47 -6.22
N TYR A 466 -31.06 -7.16 -5.17
CA TYR A 466 -30.63 -8.49 -4.78
C TYR A 466 -31.05 -9.53 -5.80
N GLN A 467 -32.25 -9.34 -6.39
CA GLN A 467 -32.81 -10.16 -7.48
C GLN A 467 -32.00 -9.89 -8.75
N LEU A 468 -31.59 -8.60 -8.93
CA LEU A 468 -30.77 -8.11 -10.03
C LEU A 468 -29.37 -8.72 -9.94
N LEU A 469 -28.85 -8.89 -8.69
CA LEU A 469 -27.55 -9.51 -8.41
C LEU A 469 -27.56 -11.02 -8.71
N ALA A 470 -28.69 -11.72 -8.44
CA ALA A 470 -28.84 -13.17 -8.73
C ALA A 470 -28.55 -13.47 -10.21
N ARG A 471 -28.98 -12.58 -11.12
CA ARG A 471 -28.73 -12.65 -12.57
C ARG A 471 -27.36 -12.00 -12.89
N ARG A 472 -26.29 -12.38 -12.12
CA ARG A 472 -24.92 -11.86 -12.28
C ARG A 472 -24.38 -12.20 -13.67
N GLU A 473 -24.57 -13.48 -14.09
CA GLU A 473 -24.21 -14.13 -15.35
C GLU A 473 -22.98 -13.55 -16.07
N VAL A 474 -23.15 -12.44 -16.82
CA VAL A 474 -22.11 -11.72 -17.58
C VAL A 474 -20.96 -11.24 -16.67
N TRP A 475 -21.29 -10.65 -15.47
CA TRP A 475 -20.33 -10.19 -14.44
C TRP A 475 -19.37 -11.33 -14.05
N ASP A 476 -19.93 -12.53 -13.77
CA ASP A 476 -19.18 -13.74 -13.39
C ASP A 476 -18.33 -14.30 -14.53
N GLN A 477 -18.72 -14.00 -15.79
CA GLN A 477 -18.01 -14.43 -17.00
C GLN A 477 -16.98 -13.39 -17.48
N SER A 478 -17.08 -12.12 -17.02
CA SER A 478 -16.21 -11.01 -17.39
C SER A 478 -14.73 -11.27 -17.12
N ALA A 479 -13.84 -10.73 -18.00
CA ALA A 479 -12.40 -10.81 -17.80
C ALA A 479 -12.09 -9.82 -16.67
N LEU A 480 -11.43 -10.32 -15.62
CA LEU A 480 -11.09 -9.58 -14.40
C LEU A 480 -10.45 -8.19 -14.65
N ASP A 481 -11.12 -7.15 -14.11
CA ASP A 481 -10.70 -5.76 -14.16
C ASP A 481 -10.55 -5.32 -12.71
N VAL A 482 -9.30 -5.17 -12.25
CA VAL A 482 -8.95 -4.80 -10.88
C VAL A 482 -9.45 -3.39 -10.50
N GLY A 483 -9.38 -2.45 -11.45
CA GLY A 483 -9.83 -1.07 -11.28
C GLY A 483 -11.33 -0.96 -11.04
N LEU A 484 -12.08 -1.87 -11.68
CA LEU A 484 -13.52 -1.98 -11.57
C LEU A 484 -13.87 -2.73 -10.29
N THR A 485 -13.07 -3.75 -9.93
CA THR A 485 -13.25 -4.57 -8.73
C THR A 485 -13.08 -3.72 -7.45
N MET A 486 -11.99 -2.95 -7.37
CA MET A 486 -11.68 -2.14 -6.19
C MET A 486 -12.61 -0.94 -6.05
N GLN A 487 -13.23 -0.47 -7.16
CA GLN A 487 -14.18 0.64 -7.12
C GLN A 487 -15.37 0.24 -6.24
N LEU A 488 -15.73 -1.07 -6.26
CA LEU A 488 -16.81 -1.66 -5.46
C LEU A 488 -16.38 -1.97 -4.01
N LEU A 489 -15.09 -1.75 -3.67
CA LEU A 489 -14.55 -1.97 -2.34
C LEU A 489 -14.16 -0.67 -1.58
N ASP A 490 -14.54 0.51 -2.14
CA ASP A 490 -14.27 1.81 -1.52
C ASP A 490 -15.38 2.23 -0.52
N CYS A 491 -15.30 3.48 -0.02
CA CYS A 491 -16.21 4.09 0.97
C CYS A 491 -17.65 4.30 0.47
N ASN A 492 -17.88 4.27 -0.86
CA ASN A 492 -19.20 4.47 -1.47
C ASN A 492 -20.10 3.24 -1.36
N PHE A 493 -19.52 2.06 -1.06
CA PHE A 493 -20.28 0.82 -0.98
C PHE A 493 -20.22 0.18 0.41
N SER A 494 -21.38 0.18 1.09
CA SER A 494 -21.56 -0.39 2.42
C SER A 494 -22.37 -1.70 2.36
N ASP A 495 -22.77 -2.12 1.14
CA ASP A 495 -23.55 -3.34 0.95
C ASP A 495 -22.70 -4.59 0.89
N GLU A 496 -22.97 -5.55 1.79
CA GLU A 496 -22.27 -6.84 1.93
C GLU A 496 -22.25 -7.65 0.64
N ASN A 497 -23.41 -7.74 -0.05
CA ASN A 497 -23.59 -8.50 -1.28
C ASN A 497 -22.92 -7.85 -2.48
N VAL A 498 -22.97 -6.51 -2.56
CA VAL A 498 -22.34 -5.72 -3.64
C VAL A 498 -20.81 -5.87 -3.56
N ARG A 499 -20.26 -5.78 -2.33
CA ARG A 499 -18.84 -5.92 -2.06
C ARG A 499 -18.37 -7.37 -2.31
N ALA A 500 -19.23 -8.36 -1.98
CA ALA A 500 -18.96 -9.80 -2.15
C ALA A 500 -18.68 -10.19 -3.61
N ILE A 501 -19.38 -9.55 -4.58
CA ILE A 501 -19.19 -9.82 -6.01
C ILE A 501 -17.82 -9.30 -6.50
N ALA A 502 -17.25 -8.29 -5.80
CA ALA A 502 -15.93 -7.73 -6.12
C ALA A 502 -14.87 -8.73 -5.66
N VAL A 503 -14.95 -9.18 -4.37
CA VAL A 503 -14.05 -10.19 -3.76
C VAL A 503 -14.06 -11.48 -4.59
N GLN A 504 -15.24 -11.86 -5.13
CA GLN A 504 -15.49 -13.00 -6.00
C GLN A 504 -14.55 -12.95 -7.23
N LYS A 505 -14.38 -11.74 -7.82
CA LYS A 505 -13.51 -11.54 -8.98
C LYS A 505 -12.03 -11.57 -8.63
N LEU A 506 -11.68 -11.25 -7.37
CA LEU A 506 -10.29 -11.24 -6.88
C LEU A 506 -9.70 -12.64 -6.76
N GLU A 507 -10.55 -13.68 -6.68
CA GLU A 507 -10.13 -15.09 -6.55
C GLU A 507 -9.29 -15.57 -7.74
N SER A 508 -9.61 -15.09 -8.96
CA SER A 508 -8.92 -15.44 -10.20
C SER A 508 -7.50 -14.85 -10.33
N LEU A 509 -7.09 -13.95 -9.41
CA LEU A 509 -5.74 -13.36 -9.40
C LEU A 509 -4.77 -14.40 -8.88
N GLU A 510 -3.68 -14.65 -9.63
CA GLU A 510 -2.64 -15.55 -9.14
C GLU A 510 -1.79 -14.79 -8.13
N ASP A 511 -1.17 -15.52 -7.18
CA ASP A 511 -0.35 -15.00 -6.05
C ASP A 511 0.56 -13.79 -6.38
N ASP A 512 1.12 -13.71 -7.60
CA ASP A 512 1.97 -12.59 -8.01
C ASP A 512 1.17 -11.29 -8.12
N ASP A 513 -0.04 -11.37 -8.68
CA ASP A 513 -0.96 -10.25 -8.82
C ASP A 513 -1.57 -9.87 -7.47
N VAL A 514 -1.78 -10.84 -6.55
CA VAL A 514 -2.31 -10.59 -5.20
C VAL A 514 -1.28 -9.72 -4.45
N LEU A 515 0.02 -10.02 -4.62
CA LEU A 515 1.11 -9.26 -4.00
C LEU A 515 1.13 -7.80 -4.45
N HIS A 516 0.80 -7.56 -5.73
CA HIS A 516 0.77 -6.23 -6.35
C HIS A 516 -0.25 -5.31 -5.68
N TYR A 517 -1.39 -5.87 -5.27
CA TYR A 517 -2.48 -5.11 -4.68
C TYR A 517 -2.66 -5.38 -3.20
N LEU A 518 -1.83 -6.25 -2.59
CA LEU A 518 -1.92 -6.60 -1.17
C LEU A 518 -2.03 -5.38 -0.25
N LEU A 519 -1.11 -4.40 -0.37
CA LEU A 519 -1.13 -3.19 0.46
C LEU A 519 -2.43 -2.39 0.31
N GLN A 520 -2.87 -2.20 -0.94
CA GLN A 520 -4.11 -1.48 -1.23
C GLN A 520 -5.35 -2.25 -0.75
N LEU A 521 -5.33 -3.60 -0.88
CA LEU A 521 -6.39 -4.52 -0.44
C LEU A 521 -6.48 -4.53 1.08
N VAL A 522 -5.32 -4.47 1.77
CA VAL A 522 -5.23 -4.44 3.24
C VAL A 522 -5.85 -3.12 3.74
N GLN A 523 -5.56 -2.00 3.07
CA GLN A 523 -6.12 -0.70 3.42
C GLN A 523 -7.62 -0.63 3.08
N ALA A 524 -8.07 -1.39 2.06
CA ALA A 524 -9.47 -1.44 1.62
C ALA A 524 -10.41 -2.02 2.70
N VAL A 525 -9.85 -2.75 3.69
CA VAL A 525 -10.56 -3.35 4.83
C VAL A 525 -11.19 -2.26 5.71
N LYS A 526 -10.58 -1.06 5.73
CA LYS A 526 -11.08 0.11 6.48
C LYS A 526 -12.47 0.54 6.00
N PHE A 527 -12.82 0.21 4.74
CA PHE A 527 -14.11 0.53 4.11
C PHE A 527 -15.18 -0.53 4.36
N GLU A 528 -14.82 -1.68 4.96
CA GLU A 528 -15.78 -2.74 5.27
C GLU A 528 -16.61 -2.32 6.50
N PRO A 529 -17.95 -2.50 6.51
CA PRO A 529 -18.75 -2.06 7.68
C PRO A 529 -18.56 -2.93 8.91
N TYR A 530 -18.51 -4.26 8.72
CA TYR A 530 -18.35 -5.26 9.78
C TYR A 530 -16.92 -5.80 9.79
N HIS A 531 -16.44 -6.23 11.00
CA HIS A 531 -15.10 -6.79 11.19
C HIS A 531 -14.88 -8.02 10.31
N ASP A 532 -15.73 -9.06 10.47
CA ASP A 532 -15.67 -10.26 9.65
C ASP A 532 -16.31 -9.94 8.30
N SER A 533 -15.55 -10.11 7.22
CA SER A 533 -15.99 -9.83 5.85
C SER A 533 -15.31 -10.76 4.84
N ALA A 534 -15.85 -10.81 3.61
CA ALA A 534 -15.32 -11.63 2.50
C ALA A 534 -13.90 -11.24 2.12
N LEU A 535 -13.57 -9.92 2.18
CA LEU A 535 -12.23 -9.40 1.87
C LEU A 535 -11.24 -9.82 2.97
N ALA A 536 -11.63 -9.64 4.25
CA ALA A 536 -10.82 -10.02 5.42
C ALA A 536 -10.51 -11.53 5.41
N ARG A 537 -11.50 -12.35 4.99
CA ARG A 537 -11.36 -13.80 4.85
C ARG A 537 -10.46 -14.17 3.67
N PHE A 538 -10.53 -13.38 2.56
CA PHE A 538 -9.72 -13.58 1.34
C PHE A 538 -8.25 -13.34 1.64
N LEU A 539 -7.92 -12.18 2.25
CA LEU A 539 -6.55 -11.80 2.63
C LEU A 539 -5.94 -12.85 3.54
N LEU A 540 -6.78 -13.44 4.42
CA LEU A 540 -6.43 -14.52 5.35
C LEU A 540 -6.09 -15.80 4.55
N LYS A 541 -6.97 -16.21 3.60
CA LYS A 541 -6.78 -17.38 2.74
C LYS A 541 -5.51 -17.27 1.89
N ARG A 542 -5.35 -16.15 1.17
CA ARG A 542 -4.22 -15.89 0.28
C ARG A 542 -2.87 -15.83 0.99
N GLY A 543 -2.86 -15.34 2.23
CA GLY A 543 -1.67 -15.22 3.06
C GLY A 543 -1.21 -16.58 3.56
N LEU A 544 -2.17 -17.38 4.08
CA LEU A 544 -1.96 -18.75 4.59
C LEU A 544 -1.55 -19.76 3.50
N ARG A 545 -1.82 -19.43 2.22
CA ARG A 545 -1.51 -20.27 1.07
C ARG A 545 -0.07 -20.07 0.57
N ASN A 546 0.35 -18.79 0.40
CA ASN A 546 1.69 -18.43 -0.08
C ASN A 546 2.47 -17.66 0.99
N LYS A 547 3.65 -18.20 1.36
CA LYS A 547 4.57 -17.67 2.38
C LYS A 547 4.96 -16.20 2.17
N ARG A 548 5.21 -15.80 0.91
CA ARG A 548 5.58 -14.42 0.57
C ARG A 548 4.42 -13.45 0.89
N ILE A 549 3.19 -13.76 0.43
CA ILE A 549 1.99 -12.94 0.70
C ILE A 549 1.77 -12.81 2.22
N GLY A 550 1.92 -13.93 2.93
CA GLY A 550 1.77 -13.99 4.37
C GLY A 550 2.75 -13.11 5.13
N HIS A 551 4.02 -13.09 4.67
CA HIS A 551 5.11 -12.27 5.24
C HIS A 551 4.74 -10.79 5.18
N PHE A 552 4.35 -10.31 3.99
CA PHE A 552 3.97 -8.92 3.78
C PHE A 552 2.67 -8.57 4.47
N LEU A 553 1.72 -9.54 4.55
CA LEU A 553 0.43 -9.41 5.24
C LEU A 553 0.67 -9.12 6.73
N PHE A 554 1.66 -9.82 7.34
CA PHE A 554 2.05 -9.62 8.75
C PHE A 554 2.47 -8.17 8.97
N TRP A 555 3.47 -7.70 8.20
CA TRP A 555 4.03 -6.36 8.27
C TRP A 555 3.06 -5.25 7.88
N PHE A 556 2.07 -5.53 7.00
CA PHE A 556 1.07 -4.52 6.62
C PHE A 556 0.05 -4.36 7.74
N LEU A 557 -0.33 -5.48 8.40
CA LEU A 557 -1.26 -5.46 9.51
C LEU A 557 -0.59 -4.88 10.76
N ARG A 558 0.68 -5.27 11.04
CA ARG A 558 1.47 -4.77 12.18
C ARG A 558 1.71 -3.24 12.13
N SER A 559 1.88 -2.68 10.91
CA SER A 559 2.06 -1.24 10.72
C SER A 559 0.80 -0.46 11.13
N GLU A 560 -0.39 -0.98 10.79
CA GLU A 560 -1.66 -0.34 11.11
C GLU A 560 -2.02 -0.48 12.58
N ILE A 561 -1.71 -1.65 13.18
CA ILE A 561 -1.97 -1.93 14.61
C ILE A 561 -1.10 -1.01 15.50
N ALA A 562 0.11 -0.67 15.03
CA ALA A 562 1.07 0.18 15.76
C ALA A 562 0.83 1.69 15.65
N GLN A 563 0.16 2.18 14.59
CA GLN A 563 -0.05 3.64 14.47
C GLN A 563 -1.48 4.07 14.02
N SER A 564 -2.50 3.22 14.27
CA SER A 564 -3.89 3.53 13.97
C SER A 564 -4.79 2.90 15.01
N ARG A 565 -5.28 3.71 15.97
CA ARG A 565 -6.16 3.21 17.03
C ARG A 565 -7.60 3.03 16.55
N HIS A 566 -7.96 3.68 15.42
CA HIS A 566 -9.27 3.57 14.79
C HIS A 566 -9.49 2.18 14.21
N TYR A 567 -8.40 1.49 13.79
CA TYR A 567 -8.53 0.19 13.14
C TYR A 567 -7.67 -0.95 13.72
N GLN A 568 -6.97 -0.73 14.85
CA GLN A 568 -6.11 -1.77 15.44
C GLN A 568 -6.88 -2.99 15.97
N GLN A 569 -8.10 -2.81 16.49
CA GLN A 569 -8.94 -3.90 17.02
C GLN A 569 -9.31 -4.91 15.93
N ARG A 570 -9.75 -4.43 14.75
CA ARG A 570 -10.16 -5.24 13.59
C ARG A 570 -8.97 -6.00 12.99
N PHE A 571 -7.91 -5.26 12.58
CA PHE A 571 -6.71 -5.81 11.98
C PHE A 571 -6.00 -6.85 12.85
N ALA A 572 -6.01 -6.66 14.20
CA ALA A 572 -5.38 -7.58 15.17
C ALA A 572 -6.03 -8.96 15.15
N VAL A 573 -7.37 -9.00 14.99
CA VAL A 573 -8.15 -10.25 14.90
C VAL A 573 -7.71 -11.00 13.63
N ILE A 574 -7.57 -10.25 12.51
CA ILE A 574 -7.15 -10.77 11.19
C ILE A 574 -5.73 -11.34 11.27
N LEU A 575 -4.79 -10.57 11.88
CA LEU A 575 -3.39 -10.99 12.03
C LEU A 575 -3.24 -12.21 12.92
N GLU A 576 -3.92 -12.22 14.09
CA GLU A 576 -3.92 -13.33 15.05
C GLU A 576 -4.33 -14.61 14.33
N ALA A 577 -5.46 -14.55 13.59
CA ALA A 577 -6.01 -15.64 12.79
C ALA A 577 -5.02 -16.12 11.72
N TYR A 578 -4.15 -15.23 11.19
CA TYR A 578 -3.13 -15.62 10.21
C TYR A 578 -2.03 -16.43 10.93
N LEU A 579 -1.44 -15.83 12.01
CA LEU A 579 -0.37 -16.41 12.82
C LEU A 579 -0.73 -17.79 13.40
N ARG A 580 -2.03 -18.00 13.70
CA ARG A 580 -2.57 -19.24 14.23
C ARG A 580 -2.56 -20.42 13.23
N GLY A 581 -2.20 -20.14 11.97
CA GLY A 581 -2.14 -21.16 10.93
C GLY A 581 -1.00 -21.04 9.93
N CYS A 582 -0.08 -20.08 10.15
CA CYS A 582 1.06 -19.87 9.24
C CYS A 582 2.19 -20.89 9.43
N GLY A 583 2.26 -21.51 10.60
CA GLY A 583 3.27 -22.51 10.92
C GLY A 583 4.37 -22.01 11.82
N THR A 584 4.89 -22.91 12.70
CA THR A 584 5.96 -22.65 13.68
C THR A 584 7.24 -22.08 13.06
N ALA A 585 7.55 -22.44 11.78
CA ALA A 585 8.73 -21.95 11.05
C ALA A 585 8.66 -20.44 10.89
N MET A 586 7.56 -19.92 10.30
CA MET A 586 7.32 -18.48 10.10
C MET A 586 7.10 -17.74 11.42
N LEU A 587 6.59 -18.44 12.46
CA LEU A 587 6.36 -17.88 13.79
C LEU A 587 7.69 -17.64 14.52
N HIS A 588 8.56 -18.68 14.59
CA HIS A 588 9.90 -18.60 15.21
C HIS A 588 10.87 -17.83 14.30
N ASP A 589 10.32 -17.15 13.28
CA ASP A 589 10.99 -16.34 12.28
C ASP A 589 10.54 -14.90 12.43
N PHE A 590 9.23 -14.67 12.68
CA PHE A 590 8.65 -13.36 12.93
C PHE A 590 9.10 -12.90 14.32
N THR A 591 9.33 -13.86 15.25
CA THR A 591 9.78 -13.63 16.62
C THR A 591 11.16 -13.00 16.59
N GLN A 592 12.11 -13.62 15.85
CA GLN A 592 13.47 -13.09 15.71
C GLN A 592 13.50 -11.83 14.81
N GLN A 593 12.39 -11.54 14.08
CA GLN A 593 12.24 -10.36 13.24
C GLN A 593 11.82 -9.17 14.10
N VAL A 594 10.74 -9.33 14.92
CA VAL A 594 10.22 -8.29 15.82
C VAL A 594 11.28 -7.89 16.86
N GLN A 595 12.00 -8.89 17.42
CA GLN A 595 13.08 -8.73 18.40
C GLN A 595 14.10 -7.67 17.95
N VAL A 596 14.67 -7.88 16.74
CA VAL A 596 15.66 -7.02 16.09
C VAL A 596 15.16 -5.58 15.93
N ILE A 597 13.91 -5.41 15.45
CA ILE A 597 13.29 -4.10 15.25
C ILE A 597 13.22 -3.33 16.56
N GLU A 598 12.56 -3.89 17.60
CA GLU A 598 12.41 -3.31 18.94
C GLU A 598 13.74 -2.87 19.56
N MET A 599 14.82 -3.67 19.34
CA MET A 599 16.18 -3.40 19.80
C MET A 599 16.76 -2.19 19.07
N LEU A 600 16.63 -2.15 17.72
CA LEU A 600 17.11 -1.05 16.88
C LEU A 600 16.30 0.23 17.12
N GLN A 601 14.99 0.09 17.42
CA GLN A 601 14.07 1.18 17.74
C GLN A 601 14.52 1.83 19.04
N LYS A 602 15.02 1.02 19.99
CA LYS A 602 15.54 1.48 21.28
C LYS A 602 16.85 2.26 21.09
N VAL A 603 17.73 1.80 20.17
CA VAL A 603 19.02 2.43 19.87
C VAL A 603 18.83 3.80 19.18
N THR A 604 17.95 3.90 18.16
CA THR A 604 17.68 5.15 17.41
C THR A 604 17.17 6.27 18.32
N LEU A 605 16.26 5.94 19.24
CA LEU A 605 15.64 6.91 20.17
C LEU A 605 16.60 7.42 21.24
N ASP A 606 17.66 6.64 21.54
CA ASP A 606 18.69 7.04 22.50
C ASP A 606 19.57 8.10 21.84
N ILE A 607 20.00 7.83 20.58
CA ILE A 607 20.80 8.76 19.77
C ILE A 607 20.05 10.07 19.59
N LYS A 608 18.73 10.01 19.32
CA LYS A 608 17.83 11.16 19.14
C LYS A 608 17.79 12.15 20.32
N SER A 609 18.05 11.66 21.56
CA SER A 609 18.08 12.48 22.77
C SER A 609 19.35 13.33 22.83
N LEU A 610 20.48 12.74 22.38
CA LEU A 610 21.81 13.37 22.30
C LEU A 610 21.83 14.25 21.05
N SER A 611 21.16 13.75 19.99
CA SER A 611 21.01 14.37 18.69
C SER A 611 20.07 15.54 18.77
N ALA A 612 20.41 16.53 17.98
CA ALA A 612 19.75 17.80 17.80
C ALA A 612 18.29 17.64 17.21
N GLU A 613 17.40 18.68 17.10
CA GLU A 613 17.48 20.14 17.28
C GLU A 613 18.35 20.75 16.17
N LYS A 614 19.42 21.49 16.49
CA LYS A 614 20.36 22.06 15.52
C LYS A 614 21.83 21.67 15.88
N TYR A 615 22.71 21.36 14.89
CA TYR A 615 22.46 21.41 13.45
C TYR A 615 23.06 20.23 12.71
N ASP A 616 24.22 19.72 13.19
CA ASP A 616 24.94 18.61 12.57
C ASP A 616 25.25 17.47 13.55
N VAL A 617 25.58 16.29 13.01
CA VAL A 617 25.90 15.06 13.74
C VAL A 617 27.21 15.25 14.49
N SER A 618 27.20 14.92 15.79
CA SER A 618 28.35 15.01 16.69
C SER A 618 29.44 13.99 16.33
N SER A 619 30.69 14.29 16.74
CA SER A 619 31.85 13.41 16.55
C SER A 619 31.77 12.31 17.61
N GLN A 620 31.30 12.69 18.82
CA GLN A 620 31.10 11.85 20.00
C GLN A 620 29.86 10.93 19.92
N VAL A 621 28.78 11.33 19.21
CA VAL A 621 27.56 10.53 19.12
C VAL A 621 27.76 9.26 18.25
N ILE A 622 28.58 9.35 17.17
CA ILE A 622 28.87 8.23 16.26
C ILE A 622 29.66 7.12 16.99
N SER A 623 30.56 7.51 17.92
CA SER A 623 31.34 6.58 18.74
C SER A 623 30.46 5.99 19.85
N GLN A 624 29.52 6.80 20.40
CA GLN A 624 28.56 6.39 21.44
C GLN A 624 27.48 5.48 20.84
N LEU A 625 27.24 5.60 19.51
CA LEU A 625 26.28 4.79 18.75
C LEU A 625 26.91 3.44 18.47
N LYS A 626 28.19 3.43 18.03
CA LYS A 626 28.99 2.23 17.73
C LYS A 626 29.16 1.39 18.99
N GLN A 627 29.27 2.05 20.16
CA GLN A 627 29.39 1.42 21.48
C GLN A 627 28.08 0.71 21.83
N LYS A 628 26.93 1.34 21.53
CA LYS A 628 25.58 0.81 21.76
C LYS A 628 25.30 -0.39 20.84
N LEU A 629 25.83 -0.34 19.60
CA LEU A 629 25.71 -1.43 18.63
C LEU A 629 26.65 -2.59 18.96
N GLU A 630 27.78 -2.29 19.65
CA GLU A 630 28.75 -3.28 20.09
C GLU A 630 28.27 -3.93 21.38
N ASN A 631 27.48 -3.18 22.19
CA ASN A 631 26.86 -3.63 23.44
C ASN A 631 25.73 -4.61 23.14
N LEU A 632 24.88 -4.26 22.13
CA LEU A 632 23.73 -5.04 21.69
C LEU A 632 24.09 -6.42 21.12
N GLN A 633 25.15 -6.50 20.29
CA GLN A 633 25.63 -7.70 19.60
C GLN A 633 25.90 -8.92 20.49
N ASN A 634 26.66 -8.73 21.62
CA ASN A 634 27.02 -9.80 22.58
C ASN A 634 25.82 -10.64 23.06
N SER A 635 24.76 -9.98 23.56
CA SER A 635 23.55 -10.66 24.03
C SER A 635 22.31 -9.83 23.75
N GLN A 636 21.50 -10.26 22.75
CA GLN A 636 20.23 -9.68 22.29
C GLN A 636 19.80 -10.23 20.92
N LEU A 637 20.46 -9.76 19.84
CA LEU A 637 20.17 -10.14 18.46
C LEU A 637 20.50 -11.59 18.14
N PRO A 638 19.56 -12.36 17.55
CA PRO A 638 19.87 -13.74 17.15
C PRO A 638 20.88 -13.72 16.00
N GLU A 639 21.65 -14.81 15.80
CA GLU A 639 22.67 -14.94 14.75
C GLU A 639 22.26 -14.32 13.41
N SER A 640 21.02 -14.59 12.95
CA SER A 640 20.46 -14.06 11.72
C SER A 640 18.99 -13.66 11.85
N PHE A 641 18.53 -12.77 10.96
CA PHE A 641 17.15 -12.29 10.88
C PHE A 641 16.80 -12.06 9.41
N ARG A 642 15.56 -12.35 9.03
CA ARG A 642 15.11 -12.14 7.65
C ARG A 642 14.78 -10.69 7.46
N VAL A 643 15.21 -10.12 6.32
CA VAL A 643 14.98 -8.72 5.98
C VAL A 643 13.48 -8.48 5.73
N PRO A 644 12.82 -7.54 6.45
CA PRO A 644 11.37 -7.35 6.27
C PRO A 644 10.92 -6.96 4.85
N TYR A 645 11.62 -5.99 4.20
CA TYR A 645 11.27 -5.55 2.84
C TYR A 645 11.62 -6.58 1.77
N ASP A 646 12.56 -7.49 2.07
CA ASP A 646 13.03 -8.55 1.17
C ASP A 646 13.12 -9.88 1.97
N PRO A 647 12.04 -10.70 1.99
CA PRO A 647 12.03 -11.92 2.82
C PRO A 647 13.04 -12.98 2.45
N GLY A 648 13.43 -13.01 1.17
CA GLY A 648 14.40 -13.96 0.64
C GLY A 648 15.78 -13.80 1.25
N LEU A 649 16.15 -12.55 1.56
CA LEU A 649 17.44 -12.20 2.16
C LEU A 649 17.46 -12.43 3.67
N LYS A 650 18.48 -13.17 4.12
CA LYS A 650 18.72 -13.44 5.54
C LYS A 650 20.00 -12.70 5.93
N ALA A 651 19.85 -11.61 6.71
CA ALA A 651 20.96 -10.78 7.19
C ALA A 651 21.40 -11.27 8.56
N GLY A 652 22.71 -11.40 8.76
CA GLY A 652 23.29 -11.90 9.99
C GLY A 652 23.84 -10.86 10.94
N ALA A 653 25.19 -10.87 11.11
CA ALA A 653 25.95 -10.00 12.01
C ALA A 653 26.21 -8.61 11.46
N LEU A 654 26.30 -7.63 12.37
CA LEU A 654 26.53 -6.23 12.04
C LEU A 654 27.97 -5.91 11.68
N ALA A 655 28.14 -4.94 10.76
CA ALA A 655 29.42 -4.39 10.36
C ALA A 655 29.47 -3.03 11.08
N ILE A 656 29.68 -3.10 12.42
CA ILE A 656 29.72 -2.00 13.40
C ILE A 656 30.58 -0.81 12.91
N GLU A 657 31.72 -1.11 12.27
CA GLU A 657 32.65 -0.14 11.70
C GLU A 657 32.05 0.65 10.53
N LYS A 658 31.13 0.01 9.76
CA LYS A 658 30.44 0.59 8.60
C LYS A 658 29.12 1.31 8.99
N CYS A 659 28.75 1.24 10.30
CA CYS A 659 27.54 1.85 10.85
C CYS A 659 27.75 3.30 11.24
N LYS A 660 26.75 4.15 10.96
CA LYS A 660 26.81 5.59 11.26
C LYS A 660 25.42 6.21 11.45
N VAL A 661 25.39 7.45 11.97
CA VAL A 661 24.17 8.24 12.14
C VAL A 661 24.18 9.22 10.96
N MET A 662 23.10 9.21 10.17
CA MET A 662 22.97 10.08 8.99
C MET A 662 22.85 11.55 9.36
N ALA A 663 23.35 12.43 8.47
CA ALA A 663 23.35 13.89 8.60
C ALA A 663 21.93 14.51 8.60
N SER A 664 20.91 13.77 8.11
CA SER A 664 19.50 14.20 8.04
C SER A 664 18.93 14.67 9.40
N LYS A 665 18.00 15.66 9.35
CA LYS A 665 17.28 16.30 10.45
C LYS A 665 16.68 15.35 11.49
N LYS A 666 16.09 14.21 11.04
CA LYS A 666 15.47 13.19 11.90
C LYS A 666 16.49 12.17 12.46
N LYS A 667 17.79 12.36 12.15
CA LYS A 667 18.94 11.52 12.54
C LYS A 667 18.67 10.00 12.29
N PRO A 668 18.48 9.56 11.02
CA PRO A 668 18.26 8.12 10.79
C PRO A 668 19.55 7.33 10.92
N LEU A 669 19.45 6.01 11.05
CA LEU A 669 20.62 5.16 11.21
C LEU A 669 21.01 4.42 9.94
N TRP A 670 22.26 4.62 9.49
CA TRP A 670 22.83 3.93 8.33
C TRP A 670 23.49 2.65 8.86
N LEU A 671 22.76 1.53 8.79
CA LEU A 671 23.21 0.23 9.28
C LEU A 671 23.69 -0.67 8.17
N GLU A 672 24.73 -1.46 8.44
CA GLU A 672 25.28 -2.42 7.48
C GLU A 672 25.46 -3.78 8.13
N PHE A 673 24.84 -4.79 7.51
CA PHE A 673 24.82 -6.18 7.97
C PHE A 673 25.49 -7.11 6.99
N LYS A 674 26.13 -8.16 7.51
CA LYS A 674 26.77 -9.20 6.69
C LYS A 674 25.71 -10.26 6.37
N CYS A 675 25.70 -10.79 5.14
CA CYS A 675 24.73 -11.82 4.72
C CYS A 675 25.00 -13.14 5.45
N ALA A 676 23.95 -13.68 6.09
CA ALA A 676 24.00 -14.91 6.88
C ALA A 676 24.29 -16.19 6.10
N ASP A 677 23.76 -16.34 4.87
CA ASP A 677 23.97 -17.55 4.07
C ASP A 677 25.35 -17.56 3.38
N PRO A 678 26.11 -18.67 3.52
CA PRO A 678 27.46 -18.71 2.93
C PRO A 678 27.53 -18.81 1.40
N THR A 679 26.39 -19.06 0.75
CA THR A 679 26.25 -19.23 -0.70
C THR A 679 26.39 -17.93 -1.52
N ALA A 680 26.21 -16.75 -0.89
CA ALA A 680 26.28 -15.44 -1.55
C ALA A 680 27.66 -15.13 -2.14
N ASN A 683 29.83 -11.15 -1.22
CA ASN A 683 30.59 -10.60 -0.10
C ASN A 683 30.25 -9.13 0.22
N GLU A 684 29.26 -8.57 -0.51
CA GLU A 684 28.75 -7.21 -0.35
C GLU A 684 27.78 -7.19 0.84
N THR A 685 27.75 -6.08 1.60
CA THR A 685 26.88 -5.97 2.78
C THR A 685 25.43 -5.60 2.44
N ILE A 686 24.52 -5.83 3.39
CA ILE A 686 23.09 -5.50 3.33
C ILE A 686 22.94 -4.20 4.12
N GLY A 687 22.46 -3.15 3.46
CA GLY A 687 22.29 -1.84 4.07
C GLY A 687 20.85 -1.46 4.37
N ILE A 688 20.59 -1.00 5.61
CA ILE A 688 19.26 -0.59 6.07
C ILE A 688 19.27 0.81 6.72
N ILE A 689 18.35 1.69 6.29
CA ILE A 689 18.18 3.03 6.88
C ILE A 689 17.01 2.93 7.85
N PHE A 690 17.29 3.11 9.14
CA PHE A 690 16.28 3.06 10.20
C PHE A 690 15.89 4.49 10.57
N LYS A 691 14.61 4.85 10.39
CA LYS A 691 14.14 6.21 10.66
C LYS A 691 12.96 6.31 11.65
N HIS A 692 13.07 7.27 12.59
CA HIS A 692 12.05 7.59 13.59
C HIS A 692 11.53 9.03 13.40
N GLY A 693 10.26 9.24 13.73
CA GLY A 693 9.61 10.56 13.66
C GLY A 693 8.56 10.73 12.59
N ASP A 694 8.61 9.89 11.53
CA ASP A 694 7.68 9.96 10.40
C ASP A 694 6.88 8.70 10.16
N ASP A 695 5.65 8.87 9.62
CA ASP A 695 4.76 7.79 9.23
C ASP A 695 5.23 7.34 7.84
N LEU A 696 5.84 6.14 7.76
CA LEU A 696 6.39 5.63 6.50
C LEU A 696 5.36 4.90 5.64
N ARG A 697 4.11 4.75 6.15
CA ARG A 697 2.98 4.15 5.45
C ARG A 697 2.70 4.96 4.18
N GLN A 698 2.94 6.28 4.24
CA GLN A 698 2.79 7.25 3.15
C GLN A 698 3.76 6.90 2.01
N ASP A 699 5.06 6.74 2.35
CA ASP A 699 6.14 6.36 1.42
C ASP A 699 5.82 5.03 0.74
N MET A 700 5.46 4.00 1.55
CA MET A 700 5.08 2.64 1.13
C MET A 700 4.06 2.61 0.00
N LEU A 701 3.00 3.44 0.12
CA LEU A 701 1.91 3.56 -0.84
C LEU A 701 2.35 4.11 -2.19
N ILE A 702 3.22 5.16 -2.18
CA ILE A 702 3.78 5.77 -3.40
C ILE A 702 4.61 4.72 -4.13
N LEU A 703 5.50 4.04 -3.39
CA LEU A 703 6.37 2.98 -3.89
C LEU A 703 5.56 1.83 -4.47
N GLN A 704 4.40 1.50 -3.87
CA GLN A 704 3.54 0.43 -4.37
C GLN A 704 2.83 0.82 -5.67
N ILE A 705 2.41 2.10 -5.81
CA ILE A 705 1.80 2.63 -7.03
C ILE A 705 2.87 2.66 -8.13
N LEU A 706 4.11 3.05 -7.76
CA LEU A 706 5.28 3.06 -8.64
C LEU A 706 5.54 1.66 -9.22
N ARG A 707 5.38 0.61 -8.38
CA ARG A 707 5.53 -0.81 -8.75
C ARG A 707 4.41 -1.25 -9.68
N ILE A 708 3.18 -0.70 -9.48
CA ILE A 708 1.99 -1.00 -10.29
C ILE A 708 2.14 -0.35 -11.67
N MET A 709 2.61 0.91 -11.70
CA MET A 709 2.86 1.67 -12.93
C MET A 709 3.86 0.93 -13.82
N GLU A 710 4.86 0.27 -13.18
CA GLU A 710 5.88 -0.53 -13.87
C GLU A 710 5.22 -1.70 -14.62
N SER A 711 4.24 -2.38 -13.97
CA SER A 711 3.51 -3.48 -14.59
C SER A 711 2.53 -3.01 -15.65
N ILE A 712 2.00 -1.77 -15.51
CA ILE A 712 1.10 -1.14 -16.49
C ILE A 712 1.91 -0.95 -17.78
N TRP A 713 3.19 -0.57 -17.64
CA TRP A 713 4.10 -0.41 -18.76
C TRP A 713 4.56 -1.77 -19.31
N GLU A 714 4.54 -2.83 -18.46
CA GLU A 714 4.90 -4.20 -18.85
C GLU A 714 3.85 -4.79 -19.81
N THR A 715 2.56 -4.40 -19.66
CA THR A 715 1.48 -4.84 -20.55
C THR A 715 1.63 -4.18 -21.93
N GLU A 716 2.16 -2.95 -21.95
CA GLU A 716 2.42 -2.18 -23.17
C GLU A 716 3.87 -2.39 -23.68
N SER A 717 4.59 -3.39 -23.11
CA SER A 717 5.97 -3.81 -23.41
C SER A 717 6.98 -2.64 -23.37
N LEU A 718 7.01 -1.95 -22.21
CA LEU A 718 7.88 -0.81 -21.90
C LEU A 718 8.49 -0.98 -20.51
N ASP A 719 9.78 -0.62 -20.39
CA ASP A 719 10.53 -0.63 -19.14
C ASP A 719 11.13 0.76 -18.96
N LEU A 720 10.69 1.48 -17.92
CA LEU A 720 11.17 2.84 -17.68
C LEU A 720 12.11 2.93 -16.47
N CYS A 721 12.78 1.80 -16.18
CA CYS A 721 13.80 1.58 -15.16
C CYS A 721 13.56 2.30 -13.81
N LEU A 722 12.29 2.34 -13.32
CA LEU A 722 11.98 2.94 -12.02
C LEU A 722 12.66 2.12 -10.91
N LEU A 723 13.03 2.76 -9.79
CA LEU A 723 13.64 2.01 -8.68
C LEU A 723 12.82 2.12 -7.39
N PRO A 724 11.69 1.36 -7.27
CA PRO A 724 10.91 1.39 -6.03
C PRO A 724 11.59 0.49 -5.00
N TYR A 725 12.52 1.09 -4.24
CA TYR A 725 13.34 0.46 -3.20
C TYR A 725 12.48 -0.08 -2.05
N GLY A 726 13.04 -1.02 -1.31
CA GLY A 726 12.37 -1.62 -0.14
C GLY A 726 12.11 -0.60 0.96
N CYS A 727 10.89 -0.61 1.51
CA CYS A 727 10.45 0.30 2.56
C CYS A 727 9.25 -0.31 3.29
N ILE A 728 9.40 -0.59 4.60
CA ILE A 728 8.34 -1.16 5.44
C ILE A 728 8.22 -0.39 6.75
N SER A 729 7.00 0.07 7.08
CA SER A 729 6.73 0.72 8.37
C SER A 729 6.58 -0.46 9.34
N THR A 730 7.50 -0.56 10.32
CA THR A 730 7.56 -1.70 11.25
C THR A 730 6.89 -1.45 12.61
N GLY A 731 6.80 -0.19 13.01
CA GLY A 731 6.19 0.22 14.27
C GLY A 731 5.59 1.61 14.25
N ASP A 732 5.52 2.27 15.43
CA ASP A 732 4.95 3.61 15.53
C ASP A 732 5.96 4.69 15.13
N LYS A 733 5.67 5.36 13.99
CA LYS A 733 6.46 6.44 13.36
C LYS A 733 7.94 6.04 13.13
N ILE A 734 8.15 4.73 12.92
CA ILE A 734 9.46 4.10 12.71
C ILE A 734 9.36 2.89 11.74
N GLY A 735 10.38 2.72 10.91
CA GLY A 735 10.46 1.64 9.92
C GLY A 735 11.84 1.55 9.29
N MET A 736 11.98 0.75 8.22
CA MET A 736 13.28 0.59 7.57
C MET A 736 13.24 0.69 6.05
N ILE A 737 14.29 1.32 5.49
CA ILE A 737 14.49 1.60 4.06
C ILE A 737 15.71 0.82 3.53
N GLU A 738 15.60 0.31 2.29
CA GLU A 738 16.67 -0.40 1.59
C GLU A 738 17.68 0.63 1.06
N ILE A 739 18.98 0.33 1.23
CA ILE A 739 20.05 1.18 0.72
C ILE A 739 20.43 0.68 -0.67
N VAL A 740 20.14 1.49 -1.71
CA VAL A 740 20.47 1.14 -3.10
C VAL A 740 21.97 1.40 -3.27
N LYS A 741 22.75 0.31 -3.41
CA LYS A 741 24.21 0.35 -3.54
C LYS A 741 24.70 1.11 -4.78
N ASP A 742 25.88 1.76 -4.63
CA ASP A 742 26.60 2.57 -5.62
C ASP A 742 25.79 3.80 -6.10
N ALA A 743 24.93 4.35 -5.23
CA ALA A 743 24.10 5.51 -5.56
C ALA A 743 24.41 6.75 -4.74
N THR A 744 24.21 7.94 -5.34
CA THR A 744 24.41 9.21 -4.64
C THR A 744 23.39 10.27 -5.10
N THR A 745 23.19 11.29 -4.25
CA THR A 745 22.27 12.41 -4.42
C THR A 745 22.71 13.35 -5.55
N ILE A 746 21.72 13.95 -6.27
CA ILE A 746 21.94 14.92 -7.35
C ILE A 746 22.56 16.21 -6.78
N ALA A 747 22.02 16.71 -5.64
CA ALA A 747 22.53 17.90 -4.95
C ALA A 747 23.98 17.69 -4.50
N LYS A 748 24.33 16.46 -4.08
CA LYS A 748 25.68 16.07 -3.66
C LYS A 748 26.69 16.17 -4.80
N ILE A 749 26.28 15.81 -6.04
CA ILE A 749 27.11 15.90 -7.25
C ILE A 749 27.41 17.36 -7.59
N GLN A 750 26.38 18.23 -7.48
CA GLN A 750 26.49 19.68 -7.72
C GLN A 750 27.34 20.35 -6.64
N GLN A 751 27.36 19.76 -5.43
CA GLN A 751 28.16 20.23 -4.27
C GLN A 751 29.62 19.76 -4.36
N SER A 752 29.87 18.65 -5.11
CA SER A 752 31.20 18.03 -5.29
C SER A 752 32.16 18.91 -6.09
N THR A 753 31.76 19.29 -7.33
CA THR A 753 32.57 20.10 -8.23
C THR A 753 32.79 21.52 -7.71
N VAL A 754 31.70 22.26 -7.42
CA VAL A 754 31.82 23.67 -7.02
C VAL A 754 30.83 24.22 -5.98
N GLY A 755 31.15 25.45 -5.56
CA GLY A 755 30.46 26.39 -4.66
C GLY A 755 29.50 26.11 -3.54
N ASN A 756 29.00 27.21 -3.02
CA ASN A 756 28.04 27.38 -1.93
C ASN A 756 26.64 26.84 -2.35
N THR A 757 26.06 27.43 -3.42
CA THR A 757 24.73 27.15 -3.97
C THR A 757 24.67 27.77 -5.39
N GLY A 758 23.54 27.55 -6.08
CA GLY A 758 23.13 28.09 -7.38
C GLY A 758 24.07 27.85 -8.54
N ALA A 759 23.52 27.61 -9.76
CA ALA A 759 24.27 27.34 -10.99
C ALA A 759 25.63 26.64 -10.65
N PHE A 760 25.64 25.31 -10.34
CA PHE A 760 24.74 24.17 -10.62
C PHE A 760 25.00 23.99 -12.12
N LYS A 761 26.31 24.05 -12.48
CA LYS A 761 26.85 24.02 -13.83
C LYS A 761 26.29 22.84 -14.58
N ASP A 762 25.63 23.11 -15.71
CA ASP A 762 24.98 22.13 -16.60
C ASP A 762 25.86 20.88 -16.82
N GLU A 763 27.17 21.09 -17.02
CA GLU A 763 28.21 20.10 -17.30
C GLU A 763 28.45 19.03 -16.21
N VAL A 764 28.32 19.41 -14.93
CA VAL A 764 28.62 18.60 -13.73
C VAL A 764 27.96 17.18 -13.72
N LEU A 765 26.69 17.04 -14.17
CA LEU A 765 26.00 15.73 -14.19
C LEU A 765 26.69 14.66 -15.05
N ASN A 766 27.10 15.03 -16.28
CA ASN A 766 27.79 14.15 -17.23
C ASN A 766 29.20 13.80 -16.73
N HIS A 767 29.85 14.76 -16.04
CA HIS A 767 31.20 14.62 -15.47
C HIS A 767 31.29 13.49 -14.46
N TRP A 768 30.27 13.36 -13.58
CA TRP A 768 30.18 12.29 -12.57
C TRP A 768 29.99 10.94 -13.25
N LEU A 769 29.13 10.89 -14.29
CA LEU A 769 28.83 9.70 -15.08
C LEU A 769 30.03 9.19 -15.88
N LYS A 770 30.88 10.11 -16.39
CA LYS A 770 32.09 9.78 -17.14
C LYS A 770 33.22 9.32 -16.22
N GLU A 771 33.20 9.79 -14.95
CA GLU A 771 34.17 9.48 -13.90
C GLU A 771 33.86 8.12 -13.24
N LYS A 772 32.57 7.85 -12.96
CA LYS A 772 32.12 6.63 -12.28
C LYS A 772 31.84 5.46 -13.24
N SER A 773 32.30 5.56 -14.49
CA SER A 773 32.18 4.50 -15.50
C SER A 773 33.52 4.43 -16.26
N PRO A 774 34.24 3.28 -16.21
CA PRO A 774 35.54 3.24 -16.89
C PRO A 774 35.42 3.10 -18.41
N THR A 775 34.72 2.05 -18.87
CA THR A 775 34.50 1.72 -20.27
C THR A 775 33.46 2.64 -20.90
N GLU A 776 33.63 2.97 -22.19
CA GLU A 776 32.70 3.77 -22.98
C GLU A 776 31.42 2.95 -23.25
N GLU A 777 31.55 1.59 -23.30
CA GLU A 777 30.42 0.66 -23.45
C GLU A 777 29.58 0.69 -22.19
N LYS A 778 30.23 0.93 -21.03
CA LYS A 778 29.61 1.04 -19.71
C LYS A 778 29.03 2.45 -19.50
N PHE A 779 29.59 3.46 -20.21
CA PHE A 779 29.15 4.86 -20.14
C PHE A 779 27.94 5.10 -21.05
N GLN A 780 27.99 4.56 -22.30
CA GLN A 780 26.88 4.70 -23.25
C GLN A 780 25.68 3.85 -22.78
N ALA A 781 25.92 2.98 -21.77
CA ALA A 781 24.93 2.15 -21.10
C ALA A 781 24.39 2.96 -19.92
N ALA A 782 25.27 3.77 -19.27
CA ALA A 782 24.94 4.64 -18.15
C ALA A 782 24.06 5.80 -18.59
N VAL A 783 24.29 6.34 -19.82
CA VAL A 783 23.48 7.43 -20.38
C VAL A 783 22.13 6.82 -20.80
N GLU A 784 22.14 5.63 -21.43
CA GLU A 784 20.96 4.88 -21.89
C GLU A 784 19.97 4.61 -20.75
N ARG A 785 20.50 4.22 -19.57
CA ARG A 785 19.74 3.94 -18.36
C ARG A 785 19.13 5.23 -17.78
N PHE A 786 19.86 6.36 -17.88
CA PHE A 786 19.42 7.67 -17.39
C PHE A 786 18.22 8.23 -18.15
N VAL A 787 18.21 8.08 -19.49
CA VAL A 787 17.14 8.58 -20.36
C VAL A 787 15.78 7.95 -19.99
N TYR A 788 15.74 6.61 -19.83
CA TYR A 788 14.54 5.85 -19.45
C TYR A 788 14.05 6.14 -18.03
N SER A 789 14.97 6.14 -17.05
CA SER A 789 14.66 6.41 -15.63
C SER A 789 14.15 7.83 -15.39
N CYS A 790 14.76 8.84 -16.05
CA CYS A 790 14.36 10.24 -15.96
C CYS A 790 12.97 10.41 -16.58
N ALA A 791 12.72 9.73 -17.71
CA ALA A 791 11.43 9.74 -18.42
C ALA A 791 10.33 9.14 -17.52
N GLY A 792 10.61 7.97 -16.95
CA GLY A 792 9.71 7.25 -16.05
C GLY A 792 9.34 8.00 -14.79
N TYR A 793 10.34 8.59 -14.12
CA TYR A 793 10.13 9.38 -12.91
C TYR A 793 9.44 10.71 -13.17
N CYS A 794 9.56 11.28 -14.40
CA CYS A 794 8.90 12.52 -14.79
C CYS A 794 7.40 12.27 -14.99
N VAL A 795 7.05 11.15 -15.65
CA VAL A 795 5.69 10.72 -15.94
C VAL A 795 4.96 10.33 -14.63
N ALA A 796 5.57 9.44 -13.82
CA ALA A 796 5.03 8.94 -12.55
C ALA A 796 4.69 10.05 -11.55
N THR A 797 5.67 10.92 -11.22
CA THR A 797 5.50 12.02 -10.26
C THR A 797 4.50 13.07 -10.74
N PHE A 798 4.35 13.25 -12.07
CA PHE A 798 3.38 14.20 -12.64
C PHE A 798 1.96 13.71 -12.39
N VAL A 799 1.72 12.41 -12.66
CA VAL A 799 0.43 11.73 -12.46
C VAL A 799 0.05 11.78 -10.97
N LEU A 800 0.96 11.32 -10.09
CA LEU A 800 0.80 11.28 -8.63
C LEU A 800 0.79 12.66 -7.95
N GLY A 801 1.28 13.69 -8.66
CA GLY A 801 1.35 15.06 -8.16
C GLY A 801 2.40 15.29 -7.10
N ILE A 802 3.60 14.71 -7.29
CA ILE A 802 4.74 14.84 -6.38
C ILE A 802 6.03 15.08 -7.21
N GLY A 803 5.89 15.84 -8.30
CA GLY A 803 6.97 16.16 -9.24
C GLY A 803 7.98 17.19 -8.79
N ASP A 804 7.50 18.31 -8.22
CA ASP A 804 8.37 19.39 -7.76
C ASP A 804 9.08 19.00 -6.46
N ARG A 805 10.29 18.47 -6.60
CA ARG A 805 11.14 18.03 -5.48
C ARG A 805 12.42 18.86 -5.41
N HIS A 806 13.23 18.62 -4.36
CA HIS A 806 14.53 19.27 -4.17
C HIS A 806 15.62 18.29 -4.62
N ASN A 807 16.70 18.79 -5.26
CA ASN A 807 17.84 17.98 -5.76
C ASN A 807 18.35 16.91 -4.79
N ASP A 808 18.23 17.17 -3.47
CA ASP A 808 18.65 16.27 -2.40
C ASP A 808 17.80 15.00 -2.33
N ASN A 809 16.51 15.09 -2.69
CA ASN A 809 15.55 13.97 -2.67
C ASN A 809 15.50 13.16 -3.98
N ILE A 810 16.46 13.40 -4.90
CA ILE A 810 16.59 12.69 -6.18
C ILE A 810 18.01 12.11 -6.25
N MET A 811 18.11 10.80 -6.51
CA MET A 811 19.40 10.10 -6.56
C MET A 811 19.69 9.46 -7.91
N ILE A 812 20.96 9.07 -8.12
CA ILE A 812 21.47 8.39 -9.32
C ILE A 812 22.52 7.34 -8.93
N THR A 813 22.48 6.18 -9.59
CA THR A 813 23.44 5.10 -9.35
C THR A 813 24.66 5.31 -10.26
N GLU A 814 25.77 4.60 -9.99
CA GLU A 814 27.01 4.64 -10.78
C GLU A 814 26.78 4.07 -12.19
N THR A 815 25.66 3.34 -12.37
CA THR A 815 25.23 2.75 -13.64
C THR A 815 24.21 3.65 -14.39
N GLY A 816 24.04 4.87 -13.88
CA GLY A 816 23.17 5.89 -14.47
C GLY A 816 21.69 5.85 -14.13
N ASN A 817 21.23 4.88 -13.30
CA ASN A 817 19.82 4.77 -12.93
C ASN A 817 19.38 5.83 -11.91
N LEU A 818 18.45 6.72 -12.34
CA LEU A 818 17.88 7.78 -11.50
C LEU A 818 16.69 7.26 -10.69
N PHE A 819 16.54 7.76 -9.43
CA PHE A 819 15.44 7.39 -8.54
C PHE A 819 15.14 8.43 -7.46
N HIS A 820 13.85 8.72 -7.25
CA HIS A 820 13.36 9.66 -6.23
C HIS A 820 13.30 8.96 -4.87
N ILE A 821 13.56 9.72 -3.77
CA ILE A 821 13.55 9.21 -2.40
C ILE A 821 12.74 10.13 -1.45
N ASP A 822 12.39 9.63 -0.24
CA ASP A 822 11.67 10.34 0.84
C ASP A 822 10.36 11.00 0.37
N PHE A 823 9.36 10.18 -0.01
CA PHE A 823 8.06 10.65 -0.49
C PHE A 823 7.18 11.24 0.60
N GLY A 824 7.41 10.86 1.84
CA GLY A 824 6.67 11.36 3.00
C GLY A 824 6.85 12.86 3.20
N HIS A 825 8.07 13.36 2.94
CA HIS A 825 8.46 14.77 3.03
C HIS A 825 7.62 15.66 2.11
N ILE A 826 7.46 15.28 0.83
CA ILE A 826 6.71 16.07 -0.15
C ILE A 826 5.18 15.96 0.04
N LEU A 827 4.60 14.74 0.01
CA LEU A 827 3.16 14.50 0.17
C LEU A 827 2.65 14.74 1.61
N GLY A 828 3.58 15.00 2.52
CA GLY A 828 3.28 15.32 3.92
C GLY A 828 3.41 16.80 4.19
N ASN A 829 3.26 17.63 3.13
CA ASN A 829 3.33 19.09 3.17
C ASN A 829 2.27 19.67 2.23
N GLU A 839 6.89 30.20 -10.13
CA GLU A 839 7.01 29.48 -8.87
C GLU A 839 7.14 27.97 -9.07
N ARG A 840 6.04 27.28 -9.36
CA ARG A 840 6.02 25.82 -9.49
C ARG A 840 6.62 25.21 -10.78
N VAL A 841 6.95 23.91 -10.72
CA VAL A 841 7.45 23.07 -11.82
C VAL A 841 6.69 21.75 -11.72
N PRO A 842 6.29 21.07 -12.83
CA PRO A 842 5.46 19.87 -12.67
C PRO A 842 6.24 18.60 -12.36
N PHE A 843 7.52 18.56 -12.76
CA PHE A 843 8.49 17.49 -12.49
C PHE A 843 9.91 18.02 -12.65
N VAL A 844 10.87 17.46 -11.90
CA VAL A 844 12.25 17.91 -11.93
C VAL A 844 12.98 17.42 -13.22
N LEU A 845 13.17 18.35 -14.16
CA LEU A 845 13.88 18.18 -15.43
C LEU A 845 14.74 19.45 -15.58
N THR A 846 15.93 19.38 -14.98
CA THR A 846 16.90 20.47 -14.90
C THR A 846 17.97 20.41 -16.02
N PRO A 847 18.60 21.56 -16.40
CA PRO A 847 19.62 21.53 -17.47
C PRO A 847 20.78 20.55 -17.33
N ASP A 848 21.06 20.02 -16.10
CA ASP A 848 22.10 19.01 -15.91
C ASP A 848 21.62 17.67 -16.48
N PHE A 849 20.31 17.39 -16.33
CA PHE A 849 19.63 16.20 -16.86
C PHE A 849 19.56 16.33 -18.38
N LEU A 850 19.35 17.57 -18.87
CA LEU A 850 19.28 17.89 -20.30
C LEU A 850 20.66 17.84 -20.94
N PHE A 851 21.73 18.13 -20.14
CA PHE A 851 23.12 18.09 -20.60
C PHE A 851 23.56 16.66 -20.92
N VAL A 852 23.13 15.67 -20.10
CA VAL A 852 23.43 14.24 -20.28
C VAL A 852 22.85 13.77 -21.62
N MET A 853 21.63 14.25 -21.96
CA MET A 853 20.92 13.94 -23.20
C MET A 853 21.60 14.55 -24.44
N GLY A 854 22.35 15.64 -24.23
CA GLY A 854 23.09 16.34 -25.28
C GLY A 854 22.38 17.56 -25.85
N THR A 855 21.54 18.21 -25.02
CA THR A 855 20.76 19.39 -25.41
C THR A 855 21.21 20.62 -24.59
N SER A 856 21.41 21.75 -25.28
CA SER A 856 21.83 23.01 -24.67
C SER A 856 20.64 23.96 -24.48
N LYS A 859 16.98 23.48 -28.78
CA LYS A 859 17.83 22.42 -29.32
C LYS A 859 17.23 21.01 -29.10
N THR A 860 17.78 20.00 -29.80
CA THR A 860 17.39 18.59 -29.73
C THR A 860 18.56 17.68 -30.15
N SER A 861 18.71 16.54 -29.48
CA SER A 861 19.78 15.57 -29.73
C SER A 861 19.25 14.14 -29.95
N PRO A 862 20.05 13.18 -30.51
CA PRO A 862 19.51 11.81 -30.72
C PRO A 862 19.02 11.09 -29.47
N HIS A 863 19.50 11.50 -28.28
CA HIS A 863 19.09 10.94 -26.99
C HIS A 863 17.90 11.71 -26.39
N PHE A 864 17.68 12.98 -26.81
CA PHE A 864 16.56 13.80 -26.36
C PHE A 864 15.29 13.44 -27.12
N GLN A 865 15.43 13.08 -28.41
CA GLN A 865 14.34 12.62 -29.27
C GLN A 865 13.78 11.35 -28.65
N LYS A 866 14.69 10.50 -28.10
CA LYS A 866 14.37 9.27 -27.40
C LYS A 866 13.61 9.59 -26.10
N PHE A 867 14.08 10.57 -25.30
CA PHE A 867 13.46 11.00 -24.04
C PHE A 867 11.96 11.31 -24.21
N GLN A 868 11.64 12.31 -25.06
CA GLN A 868 10.25 12.73 -25.35
C GLN A 868 9.41 11.60 -25.94
N ASP A 869 10.04 10.70 -26.75
CA ASP A 869 9.41 9.54 -27.37
C ASP A 869 8.96 8.55 -26.29
N ILE A 870 9.82 8.28 -25.28
CA ILE A 870 9.49 7.39 -24.17
C ILE A 870 8.46 8.06 -23.25
N CYS A 871 8.64 9.37 -22.96
CA CYS A 871 7.76 10.20 -22.11
C CYS A 871 6.30 10.21 -22.54
N VAL A 872 6.05 10.31 -23.85
CA VAL A 872 4.70 10.33 -24.42
C VAL A 872 4.12 8.92 -24.39
N LYS A 873 4.87 7.92 -24.94
CA LYS A 873 4.48 6.51 -24.97
C LYS A 873 4.14 5.99 -23.57
N ALA A 874 4.90 6.42 -22.53
CA ALA A 874 4.67 6.03 -21.14
C ALA A 874 3.44 6.70 -20.56
N TYR A 875 3.26 8.02 -20.84
CA TYR A 875 2.12 8.80 -20.35
C TYR A 875 0.79 8.33 -20.94
N LEU A 876 0.76 8.02 -22.27
CA LEU A 876 -0.44 7.54 -22.95
C LEU A 876 -0.81 6.12 -22.49
N ALA A 877 0.22 5.28 -22.19
CA ALA A 877 0.05 3.90 -21.72
C ALA A 877 -0.64 3.89 -20.34
N LEU A 878 -0.29 4.87 -19.47
CA LEU A 878 -0.90 5.05 -18.15
C LEU A 878 -2.34 5.52 -18.32
N ARG A 879 -2.61 6.35 -19.36
CA ARG A 879 -3.94 6.88 -19.69
C ARG A 879 -4.92 5.80 -20.17
N HIS A 880 -4.42 4.60 -20.51
CA HIS A 880 -5.26 3.46 -20.91
C HIS A 880 -5.72 2.68 -19.66
N HIS A 881 -5.21 3.08 -18.48
CA HIS A 881 -5.53 2.50 -17.18
C HIS A 881 -5.94 3.63 -16.22
N THR A 882 -6.63 4.66 -16.77
CA THR A 882 -7.09 5.85 -16.06
C THR A 882 -7.97 5.48 -14.84
N ASN A 883 -8.98 4.62 -15.04
CA ASN A 883 -9.92 4.20 -13.99
C ASN A 883 -9.22 3.51 -12.81
N LEU A 884 -8.22 2.64 -13.10
CA LEU A 884 -7.43 1.95 -12.07
C LEU A 884 -6.59 2.95 -11.28
N LEU A 885 -5.87 3.84 -11.98
CA LEU A 885 -5.02 4.87 -11.36
C LEU A 885 -5.80 5.86 -10.52
N ILE A 886 -7.06 6.16 -10.91
CA ILE A 886 -7.95 7.05 -10.17
C ILE A 886 -8.40 6.42 -8.83
N ILE A 887 -8.85 5.14 -8.85
CA ILE A 887 -9.31 4.43 -7.65
C ILE A 887 -8.15 4.07 -6.71
N LEU A 888 -6.94 3.84 -7.24
CA LEU A 888 -5.78 3.55 -6.40
C LEU A 888 -5.35 4.83 -5.68
N PHE A 889 -5.37 5.97 -6.40
CA PHE A 889 -5.03 7.31 -5.91
C PHE A 889 -5.96 7.79 -4.80
N SER A 890 -7.30 7.74 -5.03
CA SER A 890 -8.31 8.16 -4.05
C SER A 890 -8.22 7.33 -2.77
N MET A 891 -8.16 5.98 -2.91
CA MET A 891 -8.02 5.04 -1.79
C MET A 891 -6.74 5.29 -1.01
N MET A 892 -5.66 5.72 -1.71
CA MET A 892 -4.37 6.05 -1.11
C MET A 892 -4.53 7.30 -0.24
N LEU A 893 -5.17 8.37 -0.78
CA LEU A 893 -5.40 9.61 -0.04
C LEU A 893 -6.39 9.43 1.10
N MET A 894 -7.30 8.46 1.00
CA MET A 894 -8.30 8.19 2.04
C MET A 894 -7.77 7.34 3.20
N THR A 895 -6.80 6.45 2.94
CA THR A 895 -6.26 5.55 3.97
C THR A 895 -4.83 5.87 4.45
N GLY A 896 -4.02 6.44 3.57
CA GLY A 896 -2.62 6.75 3.87
C GLY A 896 -2.27 8.10 4.46
N MET A 897 -2.93 9.19 4.01
CA MET A 897 -2.62 10.55 4.47
C MET A 897 -3.90 11.38 4.80
N PRO A 898 -4.04 11.84 6.07
CA PRO A 898 -5.30 12.46 6.53
C PRO A 898 -5.51 13.97 6.30
N GLN A 899 -4.50 14.72 5.79
CA GLN A 899 -4.68 16.18 5.56
C GLN A 899 -4.89 16.61 4.10
N LEU A 900 -4.82 15.65 3.18
CA LEU A 900 -5.03 15.80 1.75
C LEU A 900 -6.54 15.74 1.55
N THR A 901 -7.17 14.64 2.05
CA THR A 901 -8.59 14.25 2.18
C THR A 901 -9.64 15.32 1.81
N SER A 902 -9.64 15.76 0.55
CA SER A 902 -10.57 16.78 0.12
C SER A 902 -11.02 16.44 -1.28
N LYS A 903 -12.29 16.77 -1.63
CA LYS A 903 -12.84 16.58 -2.98
C LYS A 903 -11.89 17.27 -3.97
N GLU A 904 -11.39 18.47 -3.61
CA GLU A 904 -10.41 19.30 -4.35
C GLU A 904 -9.07 18.59 -4.59
N ASP A 905 -8.58 17.83 -3.57
CA ASP A 905 -7.31 17.09 -3.63
C ASP A 905 -7.35 15.88 -4.57
N ILE A 906 -8.42 15.05 -4.47
CA ILE A 906 -8.64 13.83 -5.27
C ILE A 906 -8.76 14.12 -6.77
N GLU A 907 -9.55 15.14 -7.18
CA GLU A 907 -9.78 15.54 -8.59
C GLU A 907 -8.51 15.85 -9.39
N TYR A 908 -7.36 16.13 -8.72
CA TYR A 908 -6.07 16.40 -9.36
C TYR A 908 -5.71 15.34 -10.42
N ILE A 909 -5.79 14.03 -10.04
CA ILE A 909 -5.45 12.86 -10.87
C ILE A 909 -6.09 12.90 -12.27
N ARG A 910 -7.34 13.40 -12.36
CA ARG A 910 -8.11 13.52 -13.61
C ARG A 910 -7.45 14.47 -14.61
N ASP A 911 -7.08 15.68 -14.13
CA ASP A 911 -6.41 16.74 -14.87
C ASP A 911 -5.06 16.28 -15.38
N ALA A 912 -4.24 15.66 -14.49
CA ALA A 912 -2.92 15.10 -14.80
C ALA A 912 -3.05 14.00 -15.86
N LEU A 913 -4.14 13.19 -15.80
CA LEU A 913 -4.44 12.11 -16.76
C LEU A 913 -5.34 12.58 -17.91
N THR A 914 -5.58 13.92 -18.01
CA THR A 914 -6.41 14.59 -19.03
C THR A 914 -7.62 13.72 -19.44
N VAL A 915 -8.53 13.50 -18.48
CA VAL A 915 -9.73 12.67 -18.65
C VAL A 915 -10.67 13.28 -19.69
N GLY A 916 -10.86 12.55 -20.78
CA GLY A 916 -11.74 12.95 -21.88
C GLY A 916 -11.06 13.40 -23.16
N LYS A 917 -9.85 13.99 -23.04
CA LYS A 917 -9.07 14.49 -24.19
C LYS A 917 -8.55 13.39 -25.13
N ASN A 918 -8.31 13.76 -26.41
CA ASN A 918 -7.82 12.88 -27.49
C ASN A 918 -6.38 12.42 -27.24
N GLU A 919 -5.99 11.26 -27.81
CA GLU A 919 -4.64 10.71 -27.64
C GLU A 919 -3.53 11.62 -28.16
N GLU A 920 -3.73 12.28 -29.32
CA GLU A 920 -2.75 13.21 -29.88
C GLU A 920 -2.80 14.56 -29.16
N ASP A 921 -3.98 14.91 -28.60
CA ASP A 921 -4.23 16.14 -27.85
C ASP A 921 -3.51 16.08 -26.49
N ALA A 922 -3.67 14.96 -25.75
CA ALA A 922 -3.05 14.69 -24.45
C ALA A 922 -1.54 14.55 -24.56
N LYS A 923 -1.07 14.12 -25.75
CA LYS A 923 0.35 13.96 -26.12
C LYS A 923 1.01 15.35 -26.11
N LYS A 924 0.32 16.35 -26.71
CA LYS A 924 0.76 17.74 -26.78
C LYS A 924 0.74 18.40 -25.41
N TYR A 925 -0.18 17.95 -24.51
CA TYR A 925 -0.32 18.44 -23.15
C TYR A 925 0.93 18.11 -22.31
N PHE A 926 1.39 16.84 -22.35
CA PHE A 926 2.58 16.41 -21.61
C PHE A 926 3.87 17.01 -22.18
N LEU A 927 3.93 17.21 -23.51
CA LEU A 927 5.09 17.81 -24.18
C LEU A 927 5.23 19.29 -23.81
N ASP A 928 4.09 19.97 -23.52
CA ASP A 928 4.06 21.35 -23.07
C ASP A 928 4.53 21.43 -21.61
N GLN A 929 4.37 20.33 -20.83
CA GLN A 929 4.85 20.25 -19.44
C GLN A 929 6.37 20.17 -19.45
N ILE A 930 6.94 19.42 -20.42
CA ILE A 930 8.39 19.25 -20.64
C ILE A 930 9.02 20.60 -20.97
N GLU A 931 8.37 21.38 -21.87
CA GLU A 931 8.80 22.71 -22.30
C GLU A 931 8.78 23.74 -21.16
N VAL A 932 7.87 23.55 -20.17
CA VAL A 932 7.80 24.42 -18.98
C VAL A 932 9.11 24.21 -18.20
N CYS A 933 9.50 22.95 -17.96
CA CYS A 933 10.74 22.55 -17.29
C CYS A 933 12.00 23.09 -18.00
N ARG A 934 11.92 23.21 -19.35
CA ARG A 934 13.00 23.74 -20.19
C ARG A 934 13.08 25.27 -20.04
N ASP A 935 11.93 25.95 -20.00
CA ASP A 935 11.82 27.41 -19.86
C ASP A 935 12.05 27.91 -18.43
N LYS A 936 12.04 26.99 -17.45
CA LYS A 936 12.22 27.31 -16.03
C LYS A 936 13.68 27.20 -15.54
N GLY A 937 14.56 26.59 -16.34
CA GLY A 937 15.97 26.40 -16.01
C GLY A 937 16.21 25.80 -14.64
N TRP A 938 17.04 26.48 -13.82
CA TRP A 938 17.34 26.08 -12.44
C TRP A 938 16.60 26.99 -11.44
N THR A 939 15.72 27.89 -11.94
CA THR A 939 14.93 28.87 -11.17
C THR A 939 14.37 28.28 -9.88
N VAL A 940 13.46 27.28 -9.99
CA VAL A 940 12.81 26.59 -8.88
C VAL A 940 13.84 25.91 -7.96
N GLN A 941 14.87 25.27 -8.55
CA GLN A 941 15.94 24.60 -7.79
C GLN A 941 16.71 25.55 -6.89
N PHE A 942 17.02 26.77 -7.41
CA PHE A 942 17.67 27.83 -6.64
C PHE A 942 16.69 28.28 -5.53
N ASN A 943 15.41 28.56 -5.91
CA ASN A 943 14.34 29.02 -5.01
C ASN A 943 14.09 28.00 -3.88
N TRP A 944 14.30 26.70 -4.17
CA TRP A 944 14.18 25.58 -3.23
C TRP A 944 15.40 25.58 -2.31
N PHE A 945 16.60 25.81 -2.88
CA PHE A 945 17.88 25.86 -2.17
C PHE A 945 17.90 27.00 -1.17
N LEU A 946 17.33 28.17 -1.53
CA LEU A 946 17.23 29.32 -0.65
C LEU A 946 16.15 29.10 0.43
N HIS A 947 15.08 28.33 0.09
CA HIS A 947 13.96 28.00 0.98
C HIS A 947 14.36 27.07 2.13
N LEU A 948 15.06 25.97 1.83
CA LEU A 948 15.54 25.00 2.82
C LEU A 948 16.75 25.55 3.61
N VAL A 949 17.07 26.86 3.41
CA VAL A 949 18.14 27.62 4.04
C VAL A 949 17.56 28.85 4.80
N LEU A 950 16.44 29.45 4.31
CA LEU A 950 15.80 30.59 4.97
C LEU A 950 14.93 30.15 6.16
F2 1UK B . 16.91 8.45 5.26
C14 1UK B . 15.90 9.09 4.70
F 1UK B . 16.31 10.33 4.46
F1 1UK B . 14.98 9.18 5.66
C12 1UK B . 15.37 8.41 3.47
C11 1UK B . 13.97 8.22 3.11
N4 1UK B . 12.98 8.77 3.84
N3 1UK B . 13.62 7.50 2.02
C10 1UK B . 14.58 6.97 1.25
C13 1UK B . 16.32 7.86 2.61
C9 1UK B . 15.94 7.12 1.49
C5 1UK B . 16.96 6.40 0.68
C4 1UK B . 18.32 6.71 0.78
C6 1UK B . 16.57 5.36 -0.26
C7 1UK B . 17.44 4.64 -0.99
C8 1UK B . 18.83 4.93 -0.86
N1 1UK B . 19.23 5.98 0.03
C3 1UK B . 20.61 6.04 0.01
N2 1UK B . 19.89 4.34 -1.41
C2 1UK B . 21.00 5.01 -0.88
N 1UK B . 22.27 4.56 -1.26
C1 1UK B . 23.50 5.08 -0.97
O 1UK B . 23.63 6.15 -0.38
C 1UK B . 24.67 4.30 -1.48
S SO4 C . 5.87 -6.06 -2.07
O1 SO4 C . 6.93 -5.19 -1.64
O2 SO4 C . 5.85 -7.23 -1.19
O3 SO4 C . 6.11 -6.43 -3.46
O4 SO4 C . 4.62 -5.34 -2.00
#